data_3RA7
#
_entry.id   3RA7
#
_cell.length_a   138.013
_cell.length_b   138.013
_cell.length_c   123.617
_cell.angle_alpha   90.00
_cell.angle_beta   90.00
_cell.angle_gamma   90.00
#
_symmetry.space_group_name_H-M   'P 42 21 2'
#
loop_
_entity.id
_entity.type
_entity.pdbx_description
1 polymer 'Fab fragment, light chain'
2 polymer 'Fab fragment, heavy chain'
3 non-polymer DIGOXIGENIN
4 water water
#
loop_
_entity_poly.entity_id
_entity_poly.type
_entity_poly.pdbx_seq_one_letter_code
_entity_poly.pdbx_strand_id
1 'polypeptide(L)'
;DVQMTQSTSSLSASLGDRVTISCRASQDIKNYLNWYQQKPGGTVKLLIYYSSTLLSGVPSRFSGRGSGTDFSLTITNLER
EDIATYFCQQSITLPPTFGGGTKLEIKRADAAPTVSIFPPSSEQLTSGGASVVCFLNNFYPKDINVKWKIDGSERQNGVL
NSWTDQDSKDSTYSMSSTLTLTKDEYERHNSYTCEATHKTSTSPIVKSFNRGEC
;
L,M
2 'polypeptide(L)'
;EVQLVESGGGLVKPGGSLKLSCAVSGFTFSDYAMSWIRQTPENRLEWVASINIGATYAYYPDSVKGRFTISRDNAKNTLF
LQMSSLGSEDTAMYYCARPGSPYEYDKAYYSMAYWGPGTSVTVSSAKTTPPSVYPLAPGSAAQTNSMVTLGCLVKGYFPE
PVTVTWNSGSLSSGVHTFPAVLQSDLYTLSSSVTVPSSPRPSETVTCNVAHPASSTKVDKKIVPRDCG
;
H,I
#
loop_
_chem_comp.id
_chem_comp.type
_chem_comp.name
_chem_comp.formula
DOG non-polymer DIGOXIGENIN 'C23 H34 O5'
#
# COMPACT_ATOMS: atom_id res chain seq x y z
N ASP A 1 12.74 10.46 -0.40
CA ASP A 1 13.39 9.17 -0.22
C ASP A 1 13.58 8.47 -1.57
N VAL A 2 14.70 7.77 -1.71
CA VAL A 2 14.94 6.96 -2.91
C VAL A 2 14.04 5.74 -2.87
N GLN A 3 13.25 5.56 -3.92
CA GLN A 3 12.30 4.45 -3.99
C GLN A 3 12.96 3.21 -4.58
N MET A 4 12.90 2.11 -3.83
CA MET A 4 13.43 0.83 -4.31
C MET A 4 12.32 -0.02 -4.90
N THR A 5 12.49 -0.40 -6.17
CA THR A 5 11.44 -1.09 -6.89
C THR A 5 11.89 -2.44 -7.45
N GLN A 6 11.22 -3.50 -6.98
CA GLN A 6 11.39 -4.83 -7.56
C GLN A 6 10.14 -5.12 -8.38
N SER A 7 10.35 -5.41 -9.66
CA SER A 7 9.28 -5.38 -10.65
C SER A 7 8.25 -6.50 -10.52
N THR A 8 8.65 -7.59 -9.87
CA THR A 8 7.73 -8.67 -9.59
C THR A 8 7.81 -9.05 -8.12
N SER A 9 6.68 -9.43 -7.54
CA SER A 9 6.64 -9.82 -6.14
C SER A 9 6.82 -11.32 -6.00
N SER A 10 6.53 -12.06 -7.07
CA SER A 10 6.63 -13.51 -7.04
C SER A 10 7.38 -14.02 -8.27
N LEU A 11 8.20 -15.05 -8.07
CA LEU A 11 9.00 -15.62 -9.13
C LEU A 11 9.00 -17.15 -8.99
N SER A 12 8.80 -17.85 -10.10
CA SER A 12 8.76 -19.31 -10.08
C SER A 12 9.94 -19.89 -10.86
N ALA A 13 10.47 -21.02 -10.39
CA ALA A 13 11.65 -21.62 -11.02
C ALA A 13 11.85 -23.07 -10.62
N SER A 14 12.78 -23.74 -11.30
CA SER A 14 13.06 -25.14 -11.06
C SER A 14 14.40 -25.34 -10.36
N LEU A 15 14.57 -26.49 -9.72
CA LEU A 15 15.84 -26.82 -9.09
C LEU A 15 16.93 -27.00 -10.13
N GLY A 16 17.95 -26.16 -10.05
CA GLY A 16 19.06 -26.20 -11.00
C GLY A 16 18.90 -25.10 -12.04
N ASP A 17 18.01 -24.16 -11.75
CA ASP A 17 17.68 -23.11 -12.69
C ASP A 17 18.44 -21.83 -12.36
N ARG A 18 18.63 -20.98 -13.37
CA ARG A 18 19.27 -19.69 -13.18
C ARG A 18 18.21 -18.63 -12.90
N VAL A 19 18.16 -18.15 -11.67
CA VAL A 19 17.20 -17.14 -11.27
C VAL A 19 17.82 -15.74 -11.34
N THR A 20 17.01 -14.75 -11.71
CA THR A 20 17.48 -13.38 -11.74
C THR A 20 16.44 -12.43 -11.15
N ILE A 21 16.82 -11.74 -10.08
CA ILE A 21 15.93 -10.78 -9.44
C ILE A 21 16.40 -9.36 -9.75
N SER A 22 15.48 -8.54 -10.25
CA SER A 22 15.84 -7.18 -10.62
C SER A 22 15.42 -6.16 -9.56
N CYS A 23 16.20 -5.08 -9.47
CA CYS A 23 15.93 -4.01 -8.52
C CYS A 23 16.29 -2.67 -9.13
N ARG A 24 15.33 -1.74 -9.12
CA ARG A 24 15.54 -0.42 -9.71
C ARG A 24 15.45 0.69 -8.67
N ALA A 25 16.40 1.60 -8.70
CA ALA A 25 16.40 2.77 -7.83
C ALA A 25 15.87 3.97 -8.59
N SER A 26 15.18 4.86 -7.88
CA SER A 26 14.65 6.07 -8.50
C SER A 26 15.76 7.08 -8.74
N GLN A 27 16.91 6.82 -8.14
CA GLN A 27 18.04 7.73 -8.25
C GLN A 27 19.36 6.99 -8.50
N ASP A 28 20.42 7.78 -8.67
CA ASP A 28 21.76 7.24 -8.74
C ASP A 28 22.25 6.97 -7.33
N ILE A 29 22.39 5.70 -6.98
CA ILE A 29 22.93 5.31 -5.68
C ILE A 29 24.30 4.69 -5.88
N LYS A 30 24.88 4.91 -7.07
CA LYS A 30 26.18 4.37 -7.40
C LYS A 30 26.23 2.86 -7.20
N ASN A 31 27.04 2.41 -6.25
CA ASN A 31 27.20 0.98 -5.98
C ASN A 31 26.64 0.58 -4.62
N TYR A 32 26.03 1.53 -3.92
CA TYR A 32 25.51 1.28 -2.58
C TYR A 32 24.17 0.58 -2.59
N LEU A 33 24.17 -0.69 -3.00
CA LEU A 33 22.94 -1.49 -3.00
C LEU A 33 23.17 -2.90 -2.49
N ASN A 34 22.50 -3.25 -1.40
CA ASN A 34 22.68 -4.57 -0.79
C ASN A 34 21.51 -5.51 -1.06
N TRP A 35 21.77 -6.81 -0.94
CA TRP A 35 20.74 -7.82 -1.11
C TRP A 35 20.56 -8.65 0.16
N TYR A 36 19.31 -8.89 0.53
CA TYR A 36 18.99 -9.68 1.70
C TYR A 36 18.15 -10.89 1.37
N GLN A 37 18.21 -11.90 2.22
CA GLN A 37 17.40 -13.11 2.06
C GLN A 37 16.59 -13.32 3.33
N GLN A 38 15.34 -13.73 3.18
CA GLN A 38 14.49 -13.98 4.33
C GLN A 38 13.48 -15.09 4.09
N LYS A 39 13.55 -16.12 4.91
CA LYS A 39 12.60 -17.21 4.82
C LYS A 39 11.36 -16.88 5.65
N PRO A 40 10.23 -17.57 5.39
CA PRO A 40 8.91 -17.25 5.93
C PRO A 40 8.87 -16.77 7.38
N GLY A 41 9.33 -17.57 8.33
CA GLY A 41 9.25 -17.21 9.73
C GLY A 41 10.62 -16.88 10.31
N GLY A 42 11.52 -16.43 9.44
CA GLY A 42 12.92 -16.28 9.82
C GLY A 42 13.49 -14.89 9.90
N THR A 43 14.78 -14.84 10.21
CA THR A 43 15.55 -13.61 10.35
C THR A 43 16.00 -13.12 8.98
N VAL A 44 16.35 -11.83 8.88
CA VAL A 44 16.87 -11.28 7.64
C VAL A 44 18.37 -11.54 7.55
N LYS A 45 18.82 -12.01 6.38
CA LYS A 45 20.23 -12.33 6.18
C LYS A 45 20.82 -11.49 5.05
N LEU A 46 22.02 -10.96 5.27
CA LEU A 46 22.73 -10.23 4.24
C LEU A 46 23.40 -11.21 3.28
N LEU A 47 23.20 -11.01 1.98
CA LEU A 47 23.80 -11.85 0.96
C LEU A 47 24.95 -11.13 0.28
N ILE A 48 24.60 -10.03 -0.39
CA ILE A 48 25.57 -9.21 -1.10
C ILE A 48 25.48 -7.78 -0.60
N TYR A 49 26.64 -7.14 -0.43
CA TYR A 49 26.66 -5.72 -0.10
C TYR A 49 27.54 -4.96 -1.09
N TYR A 50 27.56 -3.64 -0.96
CA TYR A 50 27.93 -2.79 -2.08
C TYR A 50 27.13 -3.38 -3.24
N SER A 51 27.60 -3.30 -4.47
CA SER A 51 26.81 -3.87 -5.57
C SER A 51 26.99 -5.37 -5.81
N SER A 52 28.17 -5.91 -5.51
CA SER A 52 28.47 -7.28 -5.90
C SER A 52 29.43 -8.02 -4.96
N THR A 53 29.50 -7.60 -3.70
CA THR A 53 30.37 -8.25 -2.74
C THR A 53 29.60 -9.23 -1.84
N LEU A 54 29.92 -10.51 -1.96
CA LEU A 54 29.27 -11.54 -1.17
C LEU A 54 29.70 -11.49 0.30
N LEU A 55 28.78 -11.81 1.19
CA LEU A 55 29.07 -11.92 2.61
C LEU A 55 29.62 -13.32 2.90
N SER A 56 30.42 -13.43 3.96
CA SER A 56 31.00 -14.70 4.33
C SER A 56 29.91 -15.71 4.62
N GLY A 57 30.05 -16.91 4.07
CA GLY A 57 29.10 -17.98 4.30
C GLY A 57 28.09 -18.12 3.18
N VAL A 58 28.00 -17.10 2.34
CA VAL A 58 27.08 -17.12 1.20
C VAL A 58 27.70 -17.83 0.00
N PRO A 59 26.97 -18.82 -0.54
CA PRO A 59 27.44 -19.62 -1.68
C PRO A 59 27.80 -18.78 -2.91
N SER A 60 28.77 -19.27 -3.69
CA SER A 60 29.28 -18.54 -4.83
C SER A 60 28.30 -18.54 -6.00
N ARG A 61 27.23 -19.32 -5.87
CA ARG A 61 26.20 -19.37 -6.90
C ARG A 61 25.26 -18.18 -6.78
N PHE A 62 25.53 -17.33 -5.80
CA PHE A 62 24.86 -16.05 -5.68
C PHE A 62 25.78 -14.97 -6.20
N SER A 63 25.26 -14.10 -7.06
CA SER A 63 26.05 -13.00 -7.59
C SER A 63 25.19 -11.78 -7.81
N GLY A 64 25.74 -10.62 -7.46
CA GLY A 64 25.05 -9.36 -7.69
C GLY A 64 25.80 -8.53 -8.70
N ARG A 65 25.09 -7.62 -9.35
CA ARG A 65 25.71 -6.70 -10.29
C ARG A 65 24.80 -5.53 -10.63
N GLY A 66 25.40 -4.42 -11.01
CA GLY A 66 24.67 -3.22 -11.32
C GLY A 66 25.36 -2.00 -10.77
N SER A 67 25.07 -0.85 -11.37
CA SER A 67 25.65 0.41 -10.96
C SER A 67 24.73 1.56 -11.32
N GLY A 68 24.54 2.48 -10.39
CA GLY A 68 23.71 3.64 -10.63
C GLY A 68 22.25 3.45 -10.24
N THR A 69 21.46 2.89 -11.14
CA THR A 69 20.01 2.82 -10.94
C THR A 69 19.37 1.46 -11.23
N ASP A 70 20.13 0.56 -11.86
CA ASP A 70 19.61 -0.76 -12.19
C ASP A 70 20.52 -1.89 -11.69
N PHE A 71 19.97 -2.73 -10.82
CA PHE A 71 20.73 -3.82 -10.21
C PHE A 71 20.02 -5.16 -10.36
N SER A 72 20.75 -6.24 -10.18
CA SER A 72 20.17 -7.57 -10.29
C SER A 72 20.87 -8.59 -9.38
N LEU A 73 20.12 -9.60 -8.97
CA LEU A 73 20.67 -10.70 -8.19
C LEU A 73 20.44 -12.00 -8.92
N THR A 74 21.52 -12.74 -9.16
CA THR A 74 21.43 -13.99 -9.91
C THR A 74 21.78 -15.20 -9.04
N ILE A 75 20.95 -16.23 -9.11
CA ILE A 75 21.22 -17.49 -8.45
C ILE A 75 21.43 -18.56 -9.52
N THR A 76 22.54 -19.27 -9.46
CA THR A 76 22.98 -20.12 -10.57
C THR A 76 22.45 -21.56 -10.55
N ASN A 77 22.43 -22.18 -9.38
CA ASN A 77 21.84 -23.53 -9.23
C ASN A 77 20.80 -23.58 -8.13
N LEU A 78 19.59 -23.15 -8.45
CA LEU A 78 18.52 -23.05 -7.48
C LEU A 78 18.38 -24.32 -6.65
N GLU A 79 18.48 -24.16 -5.34
CA GLU A 79 18.26 -25.25 -4.42
C GLU A 79 17.07 -24.86 -3.55
N ARG A 80 16.44 -25.83 -2.91
CA ARG A 80 15.22 -25.55 -2.15
C ARG A 80 15.48 -24.75 -0.87
N GLU A 81 16.75 -24.63 -0.49
CA GLU A 81 17.13 -23.76 0.62
C GLU A 81 17.33 -22.34 0.10
N ASP A 82 17.07 -22.16 -1.18
CA ASP A 82 17.12 -20.83 -1.80
C ASP A 82 15.72 -20.27 -1.96
N ILE A 83 14.73 -21.03 -1.50
CA ILE A 83 13.35 -20.57 -1.49
C ILE A 83 13.13 -19.61 -0.33
N ALA A 84 13.23 -18.32 -0.63
CA ALA A 84 13.03 -17.28 0.36
C ALA A 84 12.52 -16.02 -0.31
N THR A 85 12.45 -14.93 0.46
CA THR A 85 12.11 -13.64 -0.10
C THR A 85 13.34 -12.76 -0.15
N TYR A 86 13.58 -12.13 -1.30
CA TYR A 86 14.79 -11.35 -1.49
C TYR A 86 14.52 -9.86 -1.58
N PHE A 87 15.27 -9.09 -0.79
CA PHE A 87 15.11 -7.64 -0.75
C PHE A 87 16.36 -6.94 -1.25
N CYS A 88 16.17 -5.84 -1.97
CA CYS A 88 17.27 -4.97 -2.33
C CYS A 88 17.20 -3.73 -1.45
N GLN A 89 18.35 -3.12 -1.18
CA GLN A 89 18.40 -2.00 -0.25
C GLN A 89 19.52 -1.02 -0.55
N GLN A 90 19.19 0.27 -0.52
CA GLN A 90 20.19 1.32 -0.71
C GLN A 90 20.66 1.89 0.62
N SER A 91 21.96 2.11 0.72
CA SER A 91 22.59 2.42 1.99
C SER A 91 23.27 3.78 2.01
N ILE A 92 23.09 4.57 0.96
CA ILE A 92 23.86 5.80 0.80
C ILE A 92 23.05 7.08 1.03
N THR A 93 21.76 7.03 0.76
CA THR A 93 20.91 8.19 0.97
C THR A 93 19.94 7.99 2.13
N LEU A 94 19.85 8.97 3.01
CA LEU A 94 18.97 8.89 4.17
C LEU A 94 17.56 9.37 3.84
N PRO A 95 16.55 8.56 4.21
CA PRO A 95 16.73 7.31 4.95
C PRO A 95 17.04 6.13 4.04
N PRO A 96 17.79 5.13 4.56
CA PRO A 96 18.05 3.89 3.83
C PRO A 96 16.75 3.16 3.53
N THR A 97 16.49 2.85 2.27
CA THR A 97 15.22 2.25 1.89
C THR A 97 15.37 0.86 1.27
N PHE A 98 14.37 0.01 1.51
CA PHE A 98 14.36 -1.35 0.98
C PHE A 98 13.36 -1.48 -0.16
N GLY A 99 13.57 -2.50 -1.00
CA GLY A 99 12.62 -2.85 -2.03
C GLY A 99 11.49 -3.68 -1.44
N GLY A 100 10.43 -3.88 -2.23
CA GLY A 100 9.24 -4.58 -1.77
C GLY A 100 9.46 -6.07 -1.54
N GLY A 101 10.53 -6.60 -2.11
CA GLY A 101 10.85 -8.01 -1.96
C GLY A 101 10.34 -8.88 -3.09
N THR A 102 11.09 -9.94 -3.39
CA THR A 102 10.71 -10.89 -4.44
C THR A 102 10.69 -12.31 -3.88
N LYS A 103 9.49 -12.83 -3.66
CA LYS A 103 9.32 -14.18 -3.13
C LYS A 103 9.51 -15.22 -4.23
N LEU A 104 10.46 -16.12 -4.03
CA LEU A 104 10.81 -17.10 -5.06
C LEU A 104 10.22 -18.48 -4.77
N GLU A 105 9.34 -18.92 -5.66
CA GLU A 105 8.73 -20.24 -5.56
C GLU A 105 9.59 -21.31 -6.24
N ILE A 106 9.30 -22.57 -5.94
CA ILE A 106 9.92 -23.68 -6.65
C ILE A 106 8.90 -24.44 -7.49
N LYS A 107 9.34 -24.96 -8.63
CA LYS A 107 8.46 -25.72 -9.51
C LYS A 107 8.53 -27.21 -9.22
N ARG A 108 7.39 -27.87 -9.33
CA ARG A 108 7.32 -29.32 -9.20
C ARG A 108 6.24 -29.88 -10.13
N ALA A 109 5.98 -31.16 -10.02
CA ALA A 109 4.96 -31.81 -10.83
C ALA A 109 3.57 -31.56 -10.27
N ASP A 110 2.56 -31.67 -11.12
CA ASP A 110 1.18 -31.42 -10.71
C ASP A 110 0.73 -32.41 -9.65
N ALA A 111 0.13 -31.89 -8.59
CA ALA A 111 -0.47 -32.73 -7.56
C ALA A 111 -1.93 -32.32 -7.39
N ALA A 112 -2.80 -33.30 -7.18
CA ALA A 112 -4.21 -33.02 -6.99
C ALA A 112 -4.53 -32.83 -5.51
N PRO A 113 -5.41 -31.87 -5.22
CA PRO A 113 -5.79 -31.60 -3.83
C PRO A 113 -6.59 -32.74 -3.21
N THR A 114 -6.32 -33.02 -1.93
CA THR A 114 -7.13 -33.95 -1.17
C THR A 114 -8.17 -33.14 -0.41
N VAL A 115 -9.44 -33.31 -0.79
CA VAL A 115 -10.49 -32.48 -0.24
C VAL A 115 -11.24 -33.19 0.89
N SER A 116 -11.35 -32.52 2.03
CA SER A 116 -12.03 -33.07 3.19
C SER A 116 -13.01 -32.04 3.75
N ILE A 117 -14.27 -32.44 3.93
CA ILE A 117 -15.27 -31.54 4.48
C ILE A 117 -15.66 -31.97 5.90
N PHE A 118 -15.82 -30.98 6.78
CA PHE A 118 -16.17 -31.23 8.17
C PHE A 118 -17.37 -30.40 8.58
N PRO A 119 -18.30 -31.01 9.34
CA PRO A 119 -19.49 -30.31 9.84
C PRO A 119 -19.22 -29.62 11.17
N PRO A 120 -20.06 -28.63 11.53
CA PRO A 120 -19.95 -27.95 12.81
C PRO A 120 -19.88 -28.95 13.95
N SER A 121 -19.21 -28.58 15.03
CA SER A 121 -19.08 -29.44 16.19
C SER A 121 -20.18 -29.15 17.22
N SER A 122 -20.55 -30.18 17.98
CA SER A 122 -21.55 -30.02 19.05
C SER A 122 -21.16 -28.92 20.02
N GLU A 123 -19.86 -28.70 20.19
CA GLU A 123 -19.36 -27.66 21.08
C GLU A 123 -19.58 -26.26 20.51
N GLN A 124 -19.46 -26.10 19.20
CA GLN A 124 -19.67 -24.80 18.58
C GLN A 124 -21.16 -24.51 18.41
N LEU A 125 -21.93 -25.56 18.18
CA LEU A 125 -23.38 -25.47 18.12
C LEU A 125 -23.89 -24.98 19.47
N THR A 126 -23.17 -25.34 20.52
CA THR A 126 -23.51 -24.95 21.88
C THR A 126 -23.39 -23.44 22.08
N SER A 127 -22.69 -22.78 21.17
CA SER A 127 -22.45 -21.34 21.29
C SER A 127 -23.28 -20.48 20.35
N GLY A 128 -24.16 -21.12 19.59
CA GLY A 128 -25.02 -20.40 18.65
C GLY A 128 -24.30 -20.01 17.38
N GLY A 129 -23.25 -20.77 17.05
CA GLY A 129 -22.50 -20.56 15.82
C GLY A 129 -22.28 -21.88 15.12
N ALA A 130 -21.92 -21.83 13.84
CA ALA A 130 -21.72 -23.05 13.07
C ALA A 130 -20.83 -22.81 11.85
N SER A 131 -19.64 -23.41 11.87
CA SER A 131 -18.68 -23.27 10.78
C SER A 131 -18.45 -24.59 10.08
N VAL A 132 -18.60 -24.61 8.75
CA VAL A 132 -18.27 -25.78 7.96
C VAL A 132 -16.90 -25.56 7.34
N VAL A 133 -15.97 -26.48 7.63
CA VAL A 133 -14.60 -26.33 7.17
C VAL A 133 -14.25 -27.30 6.06
N CYS A 134 -13.46 -26.83 5.10
CA CYS A 134 -13.00 -27.69 4.01
C CYS A 134 -11.49 -27.55 3.82
N PHE A 135 -10.79 -28.67 3.92
CA PHE A 135 -9.36 -28.69 3.67
C PHE A 135 -9.06 -29.15 2.24
N LEU A 136 -8.30 -28.34 1.52
CA LEU A 136 -7.83 -28.71 0.19
C LEU A 136 -6.30 -28.75 0.21
N ASN A 137 -5.75 -29.91 0.53
CA ASN A 137 -4.33 -30.04 0.85
C ASN A 137 -3.45 -30.67 -0.23
N ASN A 138 -2.18 -30.27 -0.21
CA ASN A 138 -1.15 -30.91 -1.02
C ASN A 138 -1.42 -30.86 -2.52
N PHE A 139 -1.66 -29.68 -3.05
CA PHE A 139 -1.89 -29.52 -4.48
C PHE A 139 -0.83 -28.65 -5.15
N TYR A 140 -0.62 -28.91 -6.44
CA TYR A 140 0.24 -28.07 -7.27
C TYR A 140 -0.24 -28.12 -8.72
N PRO A 141 -0.19 -26.97 -9.41
CA PRO A 141 0.27 -25.67 -8.92
C PRO A 141 -0.66 -25.01 -7.89
N LYS A 142 -0.32 -23.77 -7.54
CA LYS A 142 -1.02 -23.02 -6.51
C LYS A 142 -2.41 -22.57 -6.95
N ASP A 143 -2.64 -22.55 -8.26
CA ASP A 143 -3.89 -22.06 -8.81
C ASP A 143 -5.05 -23.01 -8.52
N ILE A 144 -6.00 -22.53 -7.72
CA ILE A 144 -7.16 -23.33 -7.35
C ILE A 144 -8.35 -22.45 -7.00
N ASN A 145 -9.56 -22.93 -7.29
CA ASN A 145 -10.77 -22.22 -6.90
C ASN A 145 -11.71 -23.12 -6.11
N VAL A 146 -12.47 -22.52 -5.21
CA VAL A 146 -13.38 -23.25 -4.34
C VAL A 146 -14.79 -22.69 -4.43
N LYS A 147 -15.77 -23.57 -4.42
CA LYS A 147 -17.17 -23.14 -4.48
C LYS A 147 -18.01 -23.85 -3.42
N TRP A 148 -18.74 -23.05 -2.66
CA TRP A 148 -19.65 -23.58 -1.66
C TRP A 148 -21.08 -23.51 -2.17
N LYS A 149 -21.81 -24.60 -1.99
CA LYS A 149 -23.22 -24.68 -2.37
C LYS A 149 -24.02 -25.22 -1.21
N ILE A 150 -24.94 -24.42 -0.68
CA ILE A 150 -25.82 -24.82 0.40
C ILE A 150 -27.19 -25.20 -0.14
N ASP A 151 -27.39 -26.50 -0.34
CA ASP A 151 -28.62 -27.01 -0.94
C ASP A 151 -28.68 -26.63 -2.42
N GLY A 152 -27.59 -26.93 -3.13
CA GLY A 152 -27.53 -26.69 -4.56
C GLY A 152 -27.27 -25.24 -4.91
N SER A 153 -27.39 -24.36 -3.93
CA SER A 153 -27.22 -22.92 -4.15
C SER A 153 -25.83 -22.45 -3.74
N GLU A 154 -25.11 -21.84 -4.68
CA GLU A 154 -23.80 -21.27 -4.37
C GLU A 154 -23.89 -20.30 -3.20
N ARG A 155 -22.73 -19.99 -2.61
CA ARG A 155 -22.68 -19.03 -1.52
C ARG A 155 -21.27 -18.49 -1.29
N GLN A 156 -21.17 -17.19 -1.07
CA GLN A 156 -19.88 -16.54 -0.80
C GLN A 156 -19.92 -15.75 0.48
N ASN A 157 -21.12 -15.51 0.98
CA ASN A 157 -21.30 -14.80 2.24
C ASN A 157 -21.01 -15.72 3.42
N GLY A 158 -19.99 -15.38 4.20
CA GLY A 158 -19.60 -16.18 5.36
C GLY A 158 -18.45 -17.12 5.06
N VAL A 159 -18.04 -17.15 3.80
CA VAL A 159 -16.93 -18.01 3.38
C VAL A 159 -15.58 -17.32 3.56
N LEU A 160 -14.64 -18.04 4.17
CA LEU A 160 -13.29 -17.52 4.37
C LEU A 160 -12.23 -18.52 3.98
N ASN A 161 -11.21 -18.05 3.26
CA ASN A 161 -10.15 -18.92 2.76
C ASN A 161 -8.78 -18.54 3.32
N SER A 162 -7.94 -19.54 3.52
CA SER A 162 -6.56 -19.31 3.95
C SER A 162 -5.61 -20.25 3.23
N TRP A 163 -4.38 -19.79 3.00
CA TRP A 163 -3.40 -20.55 2.23
C TRP A 163 -2.11 -20.75 3.02
N THR A 164 -1.48 -21.90 2.83
CA THR A 164 -0.17 -22.14 3.39
C THR A 164 0.89 -21.73 2.38
N ASP A 165 2.05 -21.29 2.87
CA ASP A 165 3.19 -21.09 2.00
C ASP A 165 3.58 -22.45 1.45
N GLN A 166 4.43 -22.47 0.43
CA GLN A 166 4.81 -23.73 -0.20
C GLN A 166 5.45 -24.68 0.80
N ASP A 167 4.99 -25.92 0.81
CA ASP A 167 5.46 -26.91 1.77
C ASP A 167 6.95 -27.21 1.56
N SER A 168 7.63 -27.51 2.67
CA SER A 168 9.07 -27.78 2.63
C SER A 168 9.39 -29.16 2.10
N LYS A 169 8.55 -30.15 2.41
CA LYS A 169 8.81 -31.52 2.03
C LYS A 169 8.51 -31.80 0.56
N ASP A 170 7.30 -31.43 0.13
CA ASP A 170 6.81 -31.79 -1.20
C ASP A 170 6.55 -30.59 -2.10
N SER A 171 6.82 -29.39 -1.61
CA SER A 171 6.68 -28.17 -2.42
C SER A 171 5.25 -27.94 -2.90
N THR A 172 4.28 -28.49 -2.17
CA THR A 172 2.88 -28.30 -2.51
C THR A 172 2.28 -27.12 -1.76
N TYR A 173 1.01 -26.86 -2.02
CA TYR A 173 0.27 -25.85 -1.28
C TYR A 173 -0.94 -26.48 -0.64
N SER A 174 -1.46 -25.83 0.40
CA SER A 174 -2.67 -26.28 1.05
C SER A 174 -3.57 -25.07 1.29
N MET A 175 -4.87 -25.33 1.34
CA MET A 175 -5.85 -24.27 1.50
C MET A 175 -6.96 -24.73 2.43
N SER A 176 -7.61 -23.78 3.09
CA SER A 176 -8.76 -24.09 3.93
C SER A 176 -9.87 -23.09 3.70
N SER A 177 -11.05 -23.59 3.35
CA SER A 177 -12.23 -22.76 3.17
C SER A 177 -13.21 -23.03 4.30
N THR A 178 -13.61 -21.97 5.00
CA THR A 178 -14.51 -22.12 6.13
C THR A 178 -15.79 -21.30 5.98
N LEU A 179 -16.90 -22.00 5.76
CA LEU A 179 -18.20 -21.37 5.66
C LEU A 179 -18.83 -21.27 7.05
N THR A 180 -18.82 -20.07 7.60
CA THR A 180 -19.36 -19.84 8.94
C THR A 180 -20.79 -19.32 8.88
N LEU A 181 -21.68 -20.00 9.60
CA LEU A 181 -23.09 -19.63 9.63
C LEU A 181 -23.57 -19.42 11.07
N THR A 182 -24.83 -19.03 11.19
CA THR A 182 -25.49 -18.99 12.48
C THR A 182 -26.10 -20.36 12.73
N LYS A 183 -26.09 -20.81 13.97
CA LYS A 183 -26.64 -22.12 14.29
C LYS A 183 -28.02 -22.29 13.66
N ASP A 184 -28.80 -21.22 13.66
CA ASP A 184 -30.18 -21.28 13.17
C ASP A 184 -30.29 -21.45 11.66
N GLU A 185 -29.51 -20.70 10.89
CA GLU A 185 -29.56 -20.83 9.44
C GLU A 185 -28.91 -22.15 9.01
N TYR A 186 -28.05 -22.69 9.87
CA TYR A 186 -27.41 -23.95 9.58
C TYR A 186 -28.41 -25.09 9.60
N GLU A 187 -29.46 -24.94 10.42
CA GLU A 187 -30.40 -26.02 10.65
C GLU A 187 -31.67 -25.92 9.82
N ARG A 188 -31.84 -24.80 9.13
CA ARG A 188 -32.92 -24.67 8.17
C ARG A 188 -32.45 -25.14 6.79
N HIS A 189 -31.35 -25.89 6.80
CA HIS A 189 -30.81 -26.50 5.59
C HIS A 189 -30.23 -27.88 5.91
N ASN A 190 -30.17 -28.74 4.90
CA ASN A 190 -29.67 -30.10 5.10
C ASN A 190 -28.29 -30.35 4.51
N SER A 191 -28.12 -30.03 3.23
CA SER A 191 -26.90 -30.36 2.50
C SER A 191 -25.89 -29.22 2.38
N TYR A 192 -24.61 -29.59 2.42
CA TYR A 192 -23.51 -28.64 2.31
C TYR A 192 -22.37 -29.22 1.46
N THR A 193 -21.96 -28.47 0.45
CA THR A 193 -21.01 -28.98 -0.53
C THR A 193 -19.75 -28.15 -0.67
N CYS A 194 -18.61 -28.83 -0.76
CA CYS A 194 -17.32 -28.18 -0.99
C CYS A 194 -16.78 -28.58 -2.35
N GLU A 195 -16.71 -27.61 -3.26
CA GLU A 195 -16.25 -27.88 -4.62
C GLU A 195 -14.88 -27.28 -4.92
N ALA A 196 -14.03 -28.06 -5.59
CA ALA A 196 -12.69 -27.61 -5.93
C ALA A 196 -12.41 -27.75 -7.42
N THR A 197 -12.07 -26.64 -8.06
CA THR A 197 -11.65 -26.64 -9.45
C THR A 197 -10.13 -26.49 -9.52
N HIS A 198 -9.47 -27.46 -10.15
CA HIS A 198 -8.03 -27.44 -10.23
C HIS A 198 -7.52 -27.85 -11.60
N LYS A 199 -6.30 -27.42 -11.92
CA LYS A 199 -5.68 -27.71 -13.20
C LYS A 199 -5.64 -29.20 -13.51
N THR A 200 -5.65 -30.01 -12.46
CA THR A 200 -5.64 -31.46 -12.62
C THR A 200 -6.96 -31.96 -13.21
N SER A 201 -7.91 -32.24 -12.33
CA SER A 201 -9.20 -32.75 -12.77
C SER A 201 -9.83 -31.79 -13.76
N THR A 202 -10.72 -32.31 -14.60
CA THR A 202 -11.53 -31.48 -15.46
C THR A 202 -12.87 -31.28 -14.77
N SER A 203 -13.31 -32.31 -14.06
CA SER A 203 -14.50 -32.23 -13.22
C SER A 203 -14.07 -31.93 -11.80
N PRO A 204 -14.77 -31.00 -11.13
CA PRO A 204 -14.42 -30.60 -9.77
C PRO A 204 -14.34 -31.80 -8.82
N ILE A 205 -13.58 -31.63 -7.74
CA ILE A 205 -13.59 -32.59 -6.64
C ILE A 205 -14.64 -32.12 -5.66
N VAL A 206 -15.69 -32.91 -5.49
CA VAL A 206 -16.83 -32.49 -4.68
C VAL A 206 -16.92 -33.24 -3.36
N LYS A 207 -16.87 -32.49 -2.26
CA LYS A 207 -17.06 -33.05 -0.93
C LYS A 207 -18.31 -32.48 -0.29
N SER A 208 -19.32 -33.33 -0.12
CA SER A 208 -20.60 -32.90 0.42
C SER A 208 -20.98 -33.74 1.63
N PHE A 209 -22.04 -33.30 2.32
CA PHE A 209 -22.62 -34.03 3.42
C PHE A 209 -23.95 -33.39 3.77
N ASN A 210 -24.75 -34.07 4.58
CA ASN A 210 -25.98 -33.47 5.08
C ASN A 210 -26.48 -34.08 6.38
N ARG A 211 -27.43 -33.38 7.01
CA ARG A 211 -27.91 -33.72 8.35
C ARG A 211 -29.13 -34.62 8.31
N GLU B 1 28.46 -17.56 17.68
CA GLU B 1 29.30 -16.39 17.43
C GLU B 1 28.59 -15.08 17.73
N VAL B 2 28.19 -14.38 16.68
CA VAL B 2 27.53 -13.09 16.82
C VAL B 2 26.05 -13.26 17.16
N GLN B 3 25.62 -12.62 18.24
CA GLN B 3 24.26 -12.77 18.73
C GLN B 3 23.56 -11.43 18.92
N LEU B 4 22.32 -11.35 18.48
CA LEU B 4 21.46 -10.21 18.76
C LEU B 4 20.06 -10.71 19.13
N VAL B 5 19.57 -10.29 20.28
CA VAL B 5 18.27 -10.73 20.77
C VAL B 5 17.41 -9.56 21.22
N GLU B 6 16.31 -9.32 20.51
CA GLU B 6 15.41 -8.24 20.85
C GLU B 6 14.46 -8.64 21.97
N SER B 7 14.02 -7.66 22.75
CA SER B 7 13.16 -7.90 23.90
C SER B 7 12.29 -6.69 24.19
N GLY B 8 11.14 -6.94 24.80
CA GLY B 8 10.26 -5.85 25.21
C GLY B 8 9.00 -5.68 24.38
N GLY B 9 8.91 -6.40 23.26
CA GLY B 9 7.75 -6.32 22.40
C GLY B 9 6.47 -6.75 23.10
N GLY B 10 5.33 -6.36 22.54
CA GLY B 10 4.05 -6.75 23.10
C GLY B 10 2.87 -5.97 22.55
N LEU B 11 1.74 -6.05 23.25
CA LEU B 11 0.53 -5.36 22.84
C LEU B 11 0.42 -4.02 23.54
N VAL B 12 0.25 -2.96 22.75
CA VAL B 12 0.17 -1.61 23.29
C VAL B 12 -1.09 -0.90 22.80
N LYS B 13 -1.58 0.03 23.60
CA LYS B 13 -2.72 0.85 23.19
C LYS B 13 -2.22 2.05 22.38
N PRO B 14 -3.03 2.51 21.41
CA PRO B 14 -2.67 3.67 20.60
C PRO B 14 -2.34 4.87 21.50
N GLY B 15 -1.20 5.51 21.24
CA GLY B 15 -0.75 6.64 22.03
C GLY B 15 0.11 6.21 23.20
N GLY B 16 0.34 4.90 23.31
CA GLY B 16 1.09 4.34 24.41
C GLY B 16 2.58 4.29 24.18
N SER B 17 3.32 3.87 25.20
CA SER B 17 4.78 3.80 25.14
C SER B 17 5.28 2.38 25.36
N LEU B 18 6.46 2.09 24.81
CA LEU B 18 7.06 0.78 24.93
C LEU B 18 8.58 0.92 24.79
N LYS B 19 9.34 0.15 25.56
CA LYS B 19 10.78 0.17 25.42
C LYS B 19 11.32 -1.19 24.99
N LEU B 20 12.13 -1.17 23.94
CA LEU B 20 12.70 -2.39 23.38
C LEU B 20 14.16 -2.53 23.80
N SER B 21 14.65 -3.76 23.78
CA SER B 21 16.04 -4.02 24.14
C SER B 21 16.71 -4.95 23.13
N CYS B 22 18.02 -4.81 23.00
CA CYS B 22 18.79 -5.72 22.17
C CYS B 22 20.11 -6.07 22.85
N ALA B 23 20.22 -7.30 23.32
CA ALA B 23 21.44 -7.79 23.93
C ALA B 23 22.34 -8.39 22.85
N VAL B 24 23.64 -8.06 22.93
CA VAL B 24 24.57 -8.47 21.90
C VAL B 24 25.70 -9.38 22.40
N SER B 25 26.32 -10.08 21.47
CA SER B 25 27.42 -10.99 21.77
C SER B 25 28.27 -11.25 20.53
N GLY B 26 29.49 -11.71 20.74
CA GLY B 26 30.35 -12.14 19.66
C GLY B 26 31.04 -11.02 18.91
N PHE B 27 31.02 -9.83 19.49
CA PHE B 27 31.70 -8.69 18.88
C PHE B 27 31.81 -7.51 19.84
N THR B 28 32.69 -6.57 19.52
CA THR B 28 32.86 -5.38 20.34
C THR B 28 31.75 -4.38 20.04
N PHE B 29 30.68 -4.48 20.83
CA PHE B 29 29.52 -3.61 20.69
C PHE B 29 29.92 -2.15 20.55
N SER B 30 30.94 -1.73 21.30
CA SER B 30 31.34 -0.33 21.36
C SER B 30 32.08 0.15 20.12
N ASP B 31 32.23 -0.73 19.12
CA ASP B 31 32.93 -0.35 17.89
C ASP B 31 31.96 -0.04 16.76
N TYR B 32 30.68 -0.32 16.99
CA TYR B 32 29.70 -0.21 15.92
C TYR B 32 28.64 0.84 16.15
N ALA B 33 28.18 1.43 15.05
CA ALA B 33 26.96 2.24 15.06
C ALA B 33 25.79 1.29 14.92
N MET B 34 24.91 1.29 15.91
CA MET B 34 23.82 0.32 15.95
C MET B 34 22.50 0.92 15.48
N SER B 35 21.67 0.08 14.86
CA SER B 35 20.42 0.55 14.26
C SER B 35 19.23 -0.33 14.60
N TRP B 36 18.04 0.24 14.42
CA TRP B 36 16.79 -0.49 14.52
C TRP B 36 16.09 -0.46 13.17
N ILE B 37 15.51 -1.59 12.79
CA ILE B 37 14.74 -1.69 11.55
C ILE B 37 13.49 -2.50 11.84
N ARG B 38 12.37 -2.08 11.27
CA ARG B 38 11.11 -2.79 11.50
C ARG B 38 10.57 -3.42 10.22
N GLN B 39 9.91 -4.56 10.37
CA GLN B 39 9.21 -5.15 9.23
C GLN B 39 7.71 -5.08 9.45
N THR B 40 7.01 -4.68 8.40
CA THR B 40 5.59 -4.35 8.47
C THR B 40 4.71 -5.57 8.17
N PRO B 41 3.49 -5.59 8.73
CA PRO B 41 2.52 -6.67 8.48
C PRO B 41 2.33 -6.94 6.98
N GLU B 42 2.78 -6.01 6.14
CA GLU B 42 2.72 -6.20 4.69
C GLU B 42 4.08 -6.67 4.15
N ASN B 43 4.94 -7.11 5.08
CA ASN B 43 6.28 -7.58 4.75
C ASN B 43 7.16 -6.49 4.17
N ARG B 44 7.00 -5.28 4.69
CA ARG B 44 7.72 -4.11 4.21
C ARG B 44 8.77 -3.64 5.22
N LEU B 45 10.03 -3.65 4.80
CA LEU B 45 11.13 -3.25 5.67
C LEU B 45 11.34 -1.73 5.68
N GLU B 46 11.47 -1.18 6.89
CA GLU B 46 11.62 0.25 7.08
C GLU B 46 12.65 0.56 8.14
N TRP B 47 13.46 1.59 7.90
CA TRP B 47 14.46 2.04 8.87
C TRP B 47 13.76 2.71 10.04
N VAL B 48 14.31 2.54 11.23
CA VAL B 48 13.70 3.12 12.43
C VAL B 48 14.61 4.12 13.13
N ALA B 49 15.81 3.66 13.51
CA ALA B 49 16.74 4.51 14.24
C ALA B 49 18.19 4.07 14.10
N SER B 50 19.10 5.03 14.10
CA SER B 50 20.53 4.75 14.06
C SER B 50 21.24 5.56 15.15
N ILE B 51 22.29 4.98 15.72
CA ILE B 51 23.10 5.70 16.70
C ILE B 51 24.58 5.41 16.46
N ASN B 52 25.40 6.46 16.58
CA ASN B 52 26.83 6.32 16.40
C ASN B 52 27.51 5.87 17.67
N ILE B 53 28.83 5.71 17.60
CA ILE B 53 29.60 5.34 18.78
C ILE B 53 29.84 6.56 19.65
N GLY B 54 29.45 6.47 20.91
CA GLY B 54 29.61 7.57 21.84
C GLY B 54 28.27 8.18 22.17
N ALA B 55 27.24 7.64 21.52
CA ALA B 55 25.89 8.17 21.63
C ALA B 55 25.94 9.69 21.54
N THR B 56 26.52 10.20 20.44
CA THR B 56 26.65 11.63 20.23
C THR B 56 25.63 12.12 19.22
N TYR B 57 25.31 11.24 18.27
CA TYR B 57 24.35 11.55 17.22
C TYR B 57 23.41 10.38 16.98
N ALA B 58 22.16 10.69 16.63
CA ALA B 58 21.17 9.66 16.34
C ALA B 58 20.34 10.06 15.13
N TYR B 59 20.09 9.10 14.23
CA TYR B 59 19.28 9.37 13.05
C TYR B 59 17.91 8.72 13.15
N TYR B 60 16.87 9.52 12.86
CA TYR B 60 15.51 9.01 12.80
C TYR B 60 14.83 9.50 11.52
N PRO B 61 14.15 8.60 10.80
CA PRO B 61 13.32 8.99 9.67
C PRO B 61 12.11 9.81 10.15
N ASP B 62 11.47 10.53 9.24
CA ASP B 62 10.34 11.40 9.59
C ASP B 62 9.12 10.61 10.07
N SER B 63 9.20 9.29 9.96
CA SER B 63 8.10 8.42 10.34
C SER B 63 8.13 8.12 11.83
N VAL B 64 9.30 8.26 12.42
CA VAL B 64 9.53 7.86 13.80
C VAL B 64 10.17 8.97 14.61
N LYS B 65 10.79 9.92 13.89
CA LYS B 65 11.48 11.03 14.52
C LYS B 65 10.55 11.84 15.43
N GLY B 66 11.04 12.18 16.61
CA GLY B 66 10.29 12.98 17.55
C GLY B 66 9.41 12.16 18.46
N ARG B 67 9.37 10.85 18.23
CA ARG B 67 8.56 9.95 19.04
C ARG B 67 9.40 8.82 19.63
N PHE B 68 10.37 8.35 18.86
CA PHE B 68 11.24 7.27 19.31
C PHE B 68 12.61 7.82 19.72
N THR B 69 13.29 7.07 20.57
CA THR B 69 14.62 7.46 21.03
C THR B 69 15.53 6.24 21.12
N ILE B 70 16.66 6.30 20.43
CA ILE B 70 17.64 5.22 20.48
C ILE B 70 18.77 5.57 21.44
N SER B 71 19.17 4.59 22.23
CA SER B 71 20.30 4.76 23.16
C SER B 71 21.07 3.46 23.31
N ARG B 72 22.27 3.55 23.88
CA ARG B 72 23.10 2.38 24.04
C ARG B 72 23.76 2.32 25.42
N ASP B 73 23.94 1.11 25.92
CA ASP B 73 24.66 0.88 27.17
C ASP B 73 25.87 0.01 26.87
N ASN B 74 26.99 0.65 26.55
CA ASN B 74 28.18 -0.05 26.09
C ASN B 74 28.79 -0.98 27.15
N ALA B 75 28.37 -0.81 28.39
CA ALA B 75 28.87 -1.65 29.48
C ALA B 75 28.00 -2.90 29.64
N LYS B 76 26.73 -2.78 29.25
CA LYS B 76 25.78 -3.88 29.36
C LYS B 76 25.63 -4.62 28.03
N ASN B 77 26.28 -4.11 26.99
CA ASN B 77 26.12 -4.67 25.66
C ASN B 77 24.67 -4.65 25.21
N THR B 78 23.98 -3.56 25.52
CA THR B 78 22.56 -3.46 25.21
C THR B 78 22.20 -2.21 24.42
N LEU B 79 21.30 -2.37 23.46
CA LEU B 79 20.78 -1.25 22.69
C LEU B 79 19.29 -1.10 22.99
N PHE B 80 18.83 0.13 23.13
CA PHE B 80 17.44 0.38 23.49
C PHE B 80 16.68 1.18 22.43
N LEU B 81 15.36 1.06 22.45
CA LEU B 81 14.51 1.88 21.62
C LEU B 81 13.23 2.25 22.37
N GLN B 82 13.22 3.45 22.92
CA GLN B 82 12.03 3.97 23.60
C GLN B 82 11.04 4.44 22.54
N MET B 83 9.87 3.82 22.52
CA MET B 83 8.82 4.23 21.61
C MET B 83 7.72 4.95 22.40
N SER B 84 7.16 5.99 21.80
CA SER B 84 6.09 6.76 22.45
C SER B 84 5.07 7.24 21.42
N SER B 85 3.89 7.60 21.90
CA SER B 85 2.81 8.06 21.03
C SER B 85 2.66 7.12 19.85
N LEU B 86 2.40 5.85 20.13
CA LEU B 86 2.35 4.82 19.11
C LEU B 86 1.02 4.76 18.36
N GLY B 87 1.09 4.51 17.07
CA GLY B 87 -0.09 4.32 16.24
C GLY B 87 -0.08 2.93 15.61
N SER B 88 -1.15 2.61 14.90
CA SER B 88 -1.27 1.28 14.28
C SER B 88 -0.21 1.08 13.20
N GLU B 89 0.26 2.16 12.61
CA GLU B 89 1.26 2.11 11.56
C GLU B 89 2.62 1.66 12.10
N ASP B 90 2.74 1.63 13.42
CA ASP B 90 3.97 1.23 14.08
C ASP B 90 3.95 -0.26 14.40
N THR B 91 2.82 -0.89 14.14
CA THR B 91 2.69 -2.34 14.31
C THR B 91 3.67 -3.02 13.37
N ALA B 92 4.65 -3.73 13.94
CA ALA B 92 5.68 -4.36 13.13
C ALA B 92 6.60 -5.27 13.93
N MET B 93 7.38 -6.05 13.21
CA MET B 93 8.46 -6.80 13.82
C MET B 93 9.73 -5.95 13.89
N TYR B 94 10.18 -5.64 15.10
CA TYR B 94 11.33 -4.76 15.28
C TYR B 94 12.63 -5.53 15.48
N TYR B 95 13.64 -5.15 14.72
CA TYR B 95 14.95 -5.80 14.78
C TYR B 95 16.05 -4.83 15.17
N CYS B 96 17.07 -5.36 15.83
CA CYS B 96 18.32 -4.63 15.99
C CYS B 96 19.33 -5.23 15.04
N ALA B 97 20.11 -4.38 14.37
CA ALA B 97 21.05 -4.86 13.36
C ALA B 97 22.43 -4.25 13.52
N ARG B 98 23.45 -4.98 13.08
CA ARG B 98 24.82 -4.54 13.17
C ARG B 98 25.46 -4.44 11.79
N PRO B 99 26.13 -3.32 11.50
CA PRO B 99 26.83 -3.12 10.23
C PRO B 99 27.90 -4.19 10.00
N GLY B 100 28.38 -4.30 8.76
CA GLY B 100 29.37 -5.29 8.40
C GLY B 100 30.78 -4.92 8.78
N SER B 101 31.01 -3.63 9.03
CA SER B 101 32.34 -3.15 9.40
C SER B 101 32.28 -1.80 10.09
N PRO B 102 33.12 -1.61 11.12
CA PRO B 102 33.18 -0.36 11.89
C PRO B 102 33.97 0.73 11.16
N TYR B 103 34.54 0.38 10.00
CA TYR B 103 35.37 1.30 9.26
C TYR B 103 34.66 1.85 8.03
N GLU B 104 34.46 3.17 8.02
CA GLU B 104 33.75 3.83 6.93
C GLU B 104 34.43 3.62 5.58
N TYR B 105 35.73 3.33 5.60
CA TYR B 105 36.46 3.10 4.36
C TYR B 105 36.25 1.67 3.85
N ASP B 106 35.60 0.85 4.67
CA ASP B 106 35.22 -0.50 4.28
C ASP B 106 33.76 -0.48 3.84
N LYS B 107 33.49 -0.98 2.63
CA LYS B 107 32.12 -0.92 2.09
C LYS B 107 31.12 -1.78 2.86
N ALA B 108 31.63 -2.62 3.75
CA ALA B 108 30.76 -3.42 4.62
C ALA B 108 30.12 -2.50 5.65
N TYR B 109 30.73 -1.33 5.84
CA TYR B 109 30.21 -0.31 6.74
C TYR B 109 28.82 0.12 6.29
N TYR B 110 28.60 0.11 4.98
CA TYR B 110 27.32 0.51 4.41
C TYR B 110 26.41 -0.69 4.19
N SER B 111 26.36 -1.58 5.16
CA SER B 111 25.50 -2.76 5.09
C SER B 111 25.21 -3.31 6.49
N MET B 112 24.04 -3.87 6.67
CA MET B 112 23.66 -4.49 7.93
C MET B 112 23.86 -6.01 7.83
N ALA B 113 24.92 -6.50 8.46
CA ALA B 113 25.34 -7.89 8.28
C ALA B 113 24.73 -8.87 9.29
N TYR B 114 24.15 -8.35 10.36
CA TYR B 114 23.56 -9.21 11.38
C TYR B 114 22.29 -8.62 11.98
N TRP B 115 21.21 -9.39 11.92
CA TRP B 115 19.95 -8.98 12.50
C TRP B 115 19.56 -9.95 13.60
N GLY B 116 18.66 -9.52 14.48
CA GLY B 116 18.12 -10.40 15.50
C GLY B 116 16.86 -11.06 15.00
N PRO B 117 16.30 -11.98 15.80
CA PRO B 117 15.05 -12.66 15.41
C PRO B 117 13.89 -11.67 15.35
N GLY B 118 13.97 -10.62 16.16
CA GLY B 118 12.96 -9.57 16.19
C GLY B 118 12.03 -9.69 17.38
N THR B 119 11.40 -8.58 17.74
CA THR B 119 10.40 -8.57 18.80
C THR B 119 9.15 -7.83 18.32
N SER B 120 7.98 -8.44 18.53
CA SER B 120 6.75 -8.02 17.88
C SER B 120 5.99 -6.92 18.63
N VAL B 121 5.76 -5.80 17.96
CA VAL B 121 4.97 -4.70 18.52
C VAL B 121 3.63 -4.55 17.78
N THR B 122 2.54 -4.72 18.53
CA THR B 122 1.20 -4.56 17.97
C THR B 122 0.47 -3.43 18.69
N VAL B 123 0.13 -2.38 17.95
CA VAL B 123 -0.56 -1.24 18.53
C VAL B 123 -2.05 -1.34 18.24
N SER B 124 -2.81 -1.83 19.21
CA SER B 124 -4.23 -2.04 19.02
C SER B 124 -5.02 -1.73 20.28
N SER B 125 -6.26 -1.32 20.11
CA SER B 125 -7.16 -1.11 21.24
C SER B 125 -8.02 -2.36 21.41
N ALA B 126 -7.84 -3.32 20.52
CA ALA B 126 -8.51 -4.62 20.63
C ALA B 126 -8.02 -5.33 21.88
N LYS B 127 -8.79 -6.30 22.35
CA LYS B 127 -8.52 -6.91 23.65
C LYS B 127 -8.00 -8.33 23.57
N THR B 128 -7.08 -8.65 24.47
CA THR B 128 -6.57 -10.00 24.60
C THR B 128 -7.74 -10.94 24.86
N THR B 129 -7.94 -11.88 23.96
CA THR B 129 -9.08 -12.80 24.03
C THR B 129 -8.65 -14.24 23.77
N PRO B 130 -9.03 -15.17 24.66
CA PRO B 130 -8.62 -16.56 24.52
C PRO B 130 -9.39 -17.25 23.40
N PRO B 131 -8.78 -18.26 22.77
CA PRO B 131 -9.37 -19.01 21.66
C PRO B 131 -10.37 -20.07 22.12
N SER B 132 -11.39 -20.29 21.30
CA SER B 132 -12.26 -21.46 21.45
C SER B 132 -11.72 -22.50 20.48
N VAL B 133 -11.66 -23.75 20.91
CA VAL B 133 -11.10 -24.81 20.06
C VAL B 133 -12.14 -25.90 19.76
N TYR B 134 -12.46 -26.04 18.48
CA TYR B 134 -13.46 -27.00 18.03
C TYR B 134 -12.84 -28.19 17.32
N PRO B 135 -13.33 -29.40 17.61
CA PRO B 135 -12.81 -30.64 17.00
C PRO B 135 -13.42 -30.80 15.62
N LEU B 136 -12.60 -31.14 14.63
CA LEU B 136 -13.09 -31.41 13.29
C LEU B 136 -12.96 -32.90 12.97
N ALA B 137 -14.07 -33.61 13.06
CA ALA B 137 -14.10 -35.05 12.77
C ALA B 137 -15.01 -35.34 11.58
N PRO B 138 -14.62 -36.30 10.74
CA PRO B 138 -15.36 -36.70 9.54
C PRO B 138 -16.79 -37.09 9.86
N GLY B 139 -17.68 -36.99 8.87
CA GLY B 139 -19.07 -37.34 9.05
C GLY B 139 -19.81 -37.44 7.73
N SER B 140 -20.59 -38.50 7.58
CA SER B 140 -20.76 -39.49 8.63
C SER B 140 -20.71 -40.92 8.08
N ALA B 141 -20.56 -41.03 6.76
CA ALA B 141 -20.53 -42.34 6.11
C ALA B 141 -19.28 -42.51 5.25
N ALA B 142 -18.58 -41.40 4.99
CA ALA B 142 -17.38 -41.43 4.18
C ALA B 142 -16.19 -41.92 5.00
N GLN B 143 -16.06 -43.24 5.12
CA GLN B 143 -14.96 -43.84 5.87
C GLN B 143 -13.96 -44.49 4.93
N THR B 144 -13.65 -43.81 3.83
CA THR B 144 -12.74 -44.38 2.83
C THR B 144 -11.71 -43.38 2.33
N ASN B 145 -10.44 -43.70 2.52
CA ASN B 145 -10.00 -44.86 3.30
C ASN B 145 -8.52 -44.76 3.62
N SER B 146 -7.69 -45.07 2.62
CA SER B 146 -6.24 -45.05 2.78
C SER B 146 -5.77 -44.13 3.90
N MET B 147 -6.22 -42.88 3.87
CA MET B 147 -5.89 -41.90 4.91
C MET B 147 -7.14 -41.21 5.44
N VAL B 148 -7.02 -40.67 6.64
CA VAL B 148 -8.11 -39.89 7.24
C VAL B 148 -7.58 -38.55 7.72
N THR B 149 -8.35 -37.49 7.48
CA THR B 149 -7.95 -36.15 7.89
C THR B 149 -8.77 -35.64 9.06
N LEU B 150 -8.08 -35.21 10.10
CA LEU B 150 -8.73 -34.63 11.27
C LEU B 150 -8.34 -33.17 11.33
N GLY B 151 -8.94 -32.42 12.26
CA GLY B 151 -8.64 -31.01 12.37
C GLY B 151 -9.09 -30.35 13.65
N CYS B 152 -8.57 -29.15 13.89
CA CYS B 152 -8.96 -28.33 15.02
C CYS B 152 -9.24 -26.90 14.59
N LEU B 153 -10.39 -26.39 15.01
CA LEU B 153 -10.78 -25.02 14.69
C LEU B 153 -10.47 -24.12 15.87
N VAL B 154 -9.50 -23.23 15.69
CA VAL B 154 -9.16 -22.26 16.71
C VAL B 154 -9.79 -20.92 16.35
N LYS B 155 -10.71 -20.46 17.19
CA LYS B 155 -11.60 -19.36 16.80
C LYS B 155 -11.69 -18.23 17.83
N GLY B 156 -11.80 -17.02 17.31
CA GLY B 156 -12.04 -15.83 18.12
C GLY B 156 -11.03 -15.59 19.22
N TYR B 157 -9.78 -15.31 18.84
CA TYR B 157 -8.75 -15.00 19.81
C TYR B 157 -7.97 -13.74 19.45
N PHE B 158 -7.31 -13.18 20.45
CA PHE B 158 -6.47 -12.01 20.25
C PHE B 158 -5.48 -11.86 21.41
N PRO B 159 -4.24 -11.46 21.10
CA PRO B 159 -3.78 -11.26 19.72
C PRO B 159 -3.15 -12.52 19.15
N GLU B 160 -2.25 -12.31 18.18
CA GLU B 160 -1.45 -13.38 17.59
C GLU B 160 -0.19 -13.52 18.45
N PRO B 161 0.45 -14.70 18.45
CA PRO B 161 0.11 -15.89 17.68
C PRO B 161 -0.59 -16.94 18.53
N VAL B 162 -1.01 -17.98 17.84
CA VAL B 162 -1.45 -19.22 18.47
C VAL B 162 -0.55 -20.36 18.00
N THR B 163 -0.17 -21.23 18.94
CA THR B 163 0.66 -22.38 18.62
C THR B 163 -0.17 -23.64 18.59
N VAL B 164 -0.04 -24.42 17.52
CA VAL B 164 -0.83 -25.63 17.35
C VAL B 164 0.04 -26.84 17.08
N THR B 165 0.02 -27.81 17.99
CA THR B 165 0.71 -29.07 17.81
C THR B 165 -0.27 -30.24 17.94
N TRP B 166 0.08 -31.37 17.36
CA TRP B 166 -0.76 -32.57 17.40
C TRP B 166 -0.09 -33.69 18.17
N ASN B 167 -0.77 -34.19 19.20
CA ASN B 167 -0.23 -35.25 20.05
C ASN B 167 1.06 -34.84 20.74
N SER B 168 1.08 -33.60 21.24
CA SER B 168 2.26 -33.07 21.93
C SER B 168 3.50 -33.11 21.05
N GLY B 169 3.30 -32.94 19.74
CA GLY B 169 4.41 -32.93 18.80
C GLY B 169 4.72 -34.30 18.23
N SER B 170 4.14 -35.34 18.82
CA SER B 170 4.35 -36.70 18.35
C SER B 170 3.93 -36.85 16.89
N LEU B 171 3.06 -35.95 16.45
CA LEU B 171 2.64 -35.92 15.05
C LEU B 171 3.15 -34.66 14.36
N SER B 172 4.23 -34.81 13.59
CA SER B 172 4.79 -33.70 12.84
C SER B 172 4.44 -33.79 11.37
N SER B 173 4.46 -35.00 10.84
CA SER B 173 4.14 -35.23 9.43
C SER B 173 2.64 -35.21 9.19
N GLY B 174 2.23 -34.74 8.01
CA GLY B 174 0.83 -34.69 7.64
C GLY B 174 0.07 -33.58 8.33
N VAL B 175 0.79 -32.62 8.89
CA VAL B 175 0.17 -31.50 9.59
C VAL B 175 0.17 -30.22 8.74
N HIS B 176 -0.97 -29.56 8.71
CA HIS B 176 -1.11 -28.29 8.00
C HIS B 176 -1.83 -27.26 8.84
N THR B 177 -1.07 -26.32 9.40
CA THR B 177 -1.67 -25.20 10.12
C THR B 177 -1.69 -23.97 9.22
N PHE B 178 -2.83 -23.28 9.20
CA PHE B 178 -3.04 -22.17 8.27
C PHE B 178 -2.92 -20.81 8.93
N PRO B 179 -2.60 -19.78 8.12
CA PRO B 179 -2.56 -18.39 8.58
C PRO B 179 -3.92 -17.95 9.11
N ALA B 180 -3.92 -17.21 10.21
CA ALA B 180 -5.15 -16.73 10.81
C ALA B 180 -5.78 -15.61 10.00
N VAL B 181 -7.11 -15.58 9.97
CA VAL B 181 -7.85 -14.51 9.33
C VAL B 181 -8.55 -13.68 10.40
N LEU B 182 -8.52 -12.36 10.23
CA LEU B 182 -9.15 -11.47 11.20
C LEU B 182 -10.63 -11.32 10.86
N GLN B 183 -11.48 -11.34 11.89
CA GLN B 183 -12.93 -11.35 11.71
C GLN B 183 -13.61 -10.84 12.97
N SER B 184 -14.02 -9.58 12.95
CA SER B 184 -14.59 -8.92 14.13
C SER B 184 -13.52 -8.64 15.17
N ASP B 185 -12.30 -8.37 14.70
CA ASP B 185 -11.17 -8.10 15.58
C ASP B 185 -10.77 -9.33 16.38
N LEU B 186 -11.14 -10.50 15.86
CA LEU B 186 -10.78 -11.76 16.47
C LEU B 186 -10.21 -12.72 15.44
N TYR B 187 -9.11 -13.37 15.77
CA TYR B 187 -8.43 -14.26 14.84
C TYR B 187 -9.08 -15.64 14.78
N THR B 188 -8.88 -16.30 13.64
CA THR B 188 -9.38 -17.65 13.44
C THR B 188 -8.45 -18.36 12.46
N LEU B 189 -7.91 -19.49 12.88
CA LEU B 189 -7.12 -20.32 11.98
C LEU B 189 -7.54 -21.78 12.11
N SER B 190 -7.00 -22.63 11.23
CA SER B 190 -7.38 -24.02 11.21
C SER B 190 -6.15 -24.90 11.10
N SER B 191 -6.23 -26.09 11.68
CA SER B 191 -5.13 -27.04 11.59
C SER B 191 -5.67 -28.41 11.19
N SER B 192 -5.06 -29.00 10.17
CA SER B 192 -5.45 -30.32 9.72
C SER B 192 -4.34 -31.32 9.95
N VAL B 193 -4.70 -32.56 10.22
CA VAL B 193 -3.72 -33.62 10.38
C VAL B 193 -4.19 -34.88 9.66
N THR B 194 -3.29 -35.50 8.93
CA THR B 194 -3.63 -36.69 8.16
C THR B 194 -2.92 -37.93 8.69
N VAL B 195 -3.70 -38.92 9.09
CA VAL B 195 -3.15 -40.17 9.60
C VAL B 195 -3.79 -41.35 8.90
N PRO B 196 -3.12 -42.50 8.88
CA PRO B 196 -3.77 -43.71 8.35
C PRO B 196 -5.08 -43.95 9.09
N SER B 197 -6.06 -44.54 8.43
CA SER B 197 -7.36 -44.80 9.05
C SER B 197 -7.23 -45.92 10.06
N SER B 198 -6.02 -46.43 10.20
CA SER B 198 -5.74 -47.54 11.09
C SER B 198 -5.47 -47.07 12.52
N PRO B 199 -4.66 -46.02 12.70
CA PRO B 199 -4.40 -45.44 14.03
C PRO B 199 -5.46 -44.45 14.50
N ARG B 200 -6.67 -44.53 13.94
CA ARG B 200 -7.77 -43.69 14.37
C ARG B 200 -9.09 -44.22 13.80
N PRO B 201 -10.14 -44.33 14.64
CA PRO B 201 -10.27 -43.99 16.06
C PRO B 201 -9.40 -44.79 17.02
N SER B 202 -9.03 -46.02 16.65
CA SER B 202 -8.06 -46.76 17.44
C SER B 202 -6.89 -45.83 17.68
N GLU B 203 -6.34 -45.83 18.90
CA GLU B 203 -5.28 -44.91 19.22
C GLU B 203 -5.79 -43.47 19.18
N THR B 204 -5.04 -42.54 19.75
CA THR B 204 -5.54 -41.19 19.99
C THR B 204 -4.80 -40.07 19.25
N VAL B 205 -5.58 -39.13 18.70
CA VAL B 205 -5.04 -37.88 18.18
C VAL B 205 -5.69 -36.70 18.89
N THR B 206 -4.86 -35.79 19.41
CA THR B 206 -5.35 -34.64 20.15
C THR B 206 -4.59 -33.40 19.73
N CYS B 207 -5.31 -32.31 19.48
CA CYS B 207 -4.65 -31.06 19.14
C CYS B 207 -4.37 -30.25 20.39
N ASN B 208 -3.16 -29.72 20.49
CA ASN B 208 -2.77 -28.87 21.60
C ASN B 208 -2.56 -27.45 21.09
N VAL B 209 -3.40 -26.52 21.53
CA VAL B 209 -3.31 -25.14 21.09
C VAL B 209 -2.91 -24.21 22.24
N ALA B 210 -1.77 -23.56 22.07
CA ALA B 210 -1.25 -22.64 23.07
C ALA B 210 -1.42 -21.19 22.62
N HIS B 211 -1.93 -20.36 23.53
CA HIS B 211 -2.09 -18.94 23.26
C HIS B 211 -1.48 -18.15 24.42
N PRO B 212 -0.15 -17.93 24.36
CA PRO B 212 0.64 -17.33 25.45
C PRO B 212 0.12 -15.96 25.88
N ALA B 213 -0.50 -15.23 24.97
CA ALA B 213 -1.00 -13.89 25.28
C ALA B 213 -2.03 -13.93 26.40
N SER B 214 -2.91 -14.93 26.37
CA SER B 214 -3.93 -15.08 27.39
C SER B 214 -3.59 -16.21 28.36
N SER B 215 -2.36 -16.71 28.24
CA SER B 215 -1.89 -17.79 29.12
C SER B 215 -2.84 -18.98 29.07
N THR B 216 -3.26 -19.35 27.86
CA THR B 216 -4.20 -20.44 27.68
C THR B 216 -3.59 -21.63 26.93
N LYS B 217 -3.91 -22.83 27.40
CA LYS B 217 -3.60 -24.06 26.69
C LYS B 217 -4.83 -24.95 26.58
N VAL B 218 -5.19 -25.30 25.36
CA VAL B 218 -6.36 -26.15 25.14
C VAL B 218 -6.00 -27.45 24.42
N ASP B 219 -6.36 -28.58 25.03
CA ASP B 219 -6.18 -29.89 24.41
C ASP B 219 -7.52 -30.42 23.94
N LYS B 220 -7.62 -30.63 22.62
CA LYS B 220 -8.87 -31.11 22.02
C LYS B 220 -8.71 -32.48 21.37
N LYS B 221 -9.17 -33.51 22.09
CA LYS B 221 -9.12 -34.86 21.57
C LYS B 221 -10.19 -35.07 20.52
N ILE B 222 -9.77 -35.54 19.34
CA ILE B 222 -10.68 -35.77 18.23
C ILE B 222 -11.36 -37.13 18.36
N VAL B 223 -12.67 -37.10 18.59
CA VAL B 223 -13.45 -38.30 18.80
C VAL B 223 -14.47 -38.52 17.67
N PRO B 224 -14.65 -39.79 17.27
CA PRO B 224 -15.58 -40.12 16.19
C PRO B 224 -16.96 -39.50 16.41
N ARG B 225 -17.68 -39.29 15.31
CA ARG B 225 -19.04 -38.75 15.35
C ARG B 225 -19.03 -37.23 15.49
N ASP C 1 -10.29 -4.81 11.82
CA ASP C 1 -11.06 -3.84 11.04
C ASP C 1 -11.54 -4.44 9.72
N VAL C 2 -12.75 -4.06 9.32
CA VAL C 2 -13.35 -4.58 8.11
C VAL C 2 -12.58 -4.12 6.86
N GLN C 3 -12.29 -5.07 5.99
CA GLN C 3 -11.48 -4.82 4.80
C GLN C 3 -12.34 -4.73 3.55
N MET C 4 -12.42 -3.53 2.97
CA MET C 4 -13.15 -3.31 1.74
C MET C 4 -12.22 -3.45 0.54
N THR C 5 -12.46 -4.49 -0.26
CA THR C 5 -11.56 -4.82 -1.36
C THR C 5 -12.14 -4.54 -2.74
N GLN C 6 -11.41 -3.78 -3.54
CA GLN C 6 -11.73 -3.57 -4.94
C GLN C 6 -10.60 -4.14 -5.78
N SER C 7 -10.72 -5.43 -6.12
CA SER C 7 -9.66 -6.16 -6.79
C SER C 7 -9.23 -5.52 -8.11
N THR C 8 -10.20 -4.94 -8.82
CA THR C 8 -9.90 -4.20 -10.04
C THR C 8 -9.77 -2.71 -9.73
N SER C 9 -8.56 -2.19 -9.83
CA SER C 9 -8.31 -0.79 -9.54
C SER C 9 -8.34 0.06 -10.81
N SER C 10 -8.62 -0.59 -11.94
CA SER C 10 -8.61 0.09 -13.23
C SER C 10 -9.58 -0.54 -14.22
N LEU C 11 -10.39 0.30 -14.85
CA LEU C 11 -11.31 -0.16 -15.87
C LEU C 11 -11.19 0.69 -17.14
N SER C 12 -11.55 0.10 -18.27
CA SER C 12 -11.55 0.84 -19.53
C SER C 12 -12.78 0.46 -20.35
N ALA C 13 -13.68 1.42 -20.50
CA ALA C 13 -14.92 1.19 -21.24
C ALA C 13 -15.17 2.30 -22.26
N SER C 14 -16.20 2.13 -23.07
CA SER C 14 -16.50 3.09 -24.13
C SER C 14 -17.76 3.91 -23.82
N LEU C 15 -17.95 4.98 -24.59
CA LEU C 15 -19.15 5.80 -24.46
C LEU C 15 -20.39 4.97 -24.75
N GLY C 16 -21.40 5.10 -23.89
CA GLY C 16 -22.65 4.37 -24.06
C GLY C 16 -22.61 3.02 -23.38
N ASP C 17 -21.43 2.60 -22.95
CA ASP C 17 -21.27 1.33 -22.25
C ASP C 17 -21.98 1.30 -20.92
N ARG C 18 -22.36 0.09 -20.50
CA ARG C 18 -22.85 -0.14 -19.16
C ARG C 18 -21.70 -0.72 -18.34
N VAL C 19 -21.35 -0.05 -17.24
CA VAL C 19 -20.15 -0.39 -16.50
C VAL C 19 -20.44 -0.79 -15.05
N THR C 20 -19.86 -1.91 -14.64
CA THR C 20 -20.00 -2.37 -13.26
C THR C 20 -18.69 -2.30 -12.51
N ILE C 21 -18.76 -1.81 -11.28
CA ILE C 21 -17.61 -1.75 -10.41
C ILE C 21 -17.90 -2.58 -9.16
N SER C 22 -16.93 -3.38 -8.75
CA SER C 22 -17.19 -4.35 -7.68
C SER C 22 -16.48 -4.02 -6.36
N CYS C 23 -17.09 -4.48 -5.27
CA CYS C 23 -16.55 -4.24 -3.94
C CYS C 23 -16.81 -5.41 -3.01
N ARG C 24 -15.78 -5.82 -2.28
CA ARG C 24 -15.91 -6.94 -1.36
C ARG C 24 -15.66 -6.55 0.10
N ALA C 25 -16.44 -7.12 1.00
CA ALA C 25 -16.25 -6.89 2.43
C ALA C 25 -15.74 -8.18 3.06
N SER C 26 -14.77 -8.05 3.96
CA SER C 26 -14.22 -9.19 4.67
C SER C 26 -15.26 -9.74 5.65
N GLN C 27 -16.32 -8.96 5.84
CA GLN C 27 -17.40 -9.34 6.75
C GLN C 27 -18.75 -8.97 6.19
N ASP C 28 -19.79 -9.63 6.68
CA ASP C 28 -21.15 -9.22 6.39
C ASP C 28 -21.37 -7.83 6.97
N ILE C 29 -21.66 -6.87 6.10
CA ILE C 29 -21.93 -5.50 6.53
C ILE C 29 -23.37 -5.13 6.20
N LYS C 30 -24.20 -6.15 6.01
CA LYS C 30 -25.59 -5.95 5.62
C LYS C 30 -25.68 -5.04 4.39
N ASN C 31 -26.42 -3.95 4.51
CA ASN C 31 -26.59 -3.02 3.39
C ASN C 31 -25.89 -1.69 3.64
N TYR C 32 -24.96 -1.68 4.58
CA TYR C 32 -24.23 -0.46 4.92
C TYR C 32 -23.01 -0.27 4.01
N LEU C 33 -23.26 0.13 2.76
CA LEU C 33 -22.16 0.30 1.81
C LEU C 33 -22.34 1.46 0.86
N ASN C 34 -21.60 2.55 1.09
CA ASN C 34 -21.72 3.74 0.26
C ASN C 34 -20.74 3.76 -0.91
N TRP C 35 -21.11 4.47 -1.98
CA TRP C 35 -20.24 4.65 -3.13
C TRP C 35 -19.85 6.11 -3.31
N TYR C 36 -18.60 6.34 -3.71
CA TYR C 36 -18.11 7.69 -3.91
C TYR C 36 -17.45 7.86 -5.28
N GLN C 37 -17.41 9.10 -5.75
CA GLN C 37 -16.72 9.43 -6.98
C GLN C 37 -15.76 10.58 -6.73
N GLN C 38 -14.50 10.37 -7.08
CA GLN C 38 -13.52 11.43 -6.95
C GLN C 38 -12.82 11.68 -8.28
N LYS C 39 -13.16 12.79 -8.93
CA LYS C 39 -12.50 13.18 -10.15
C LYS C 39 -11.09 13.68 -9.83
N PRO C 40 -10.19 13.64 -10.82
CA PRO C 40 -8.80 14.06 -10.60
C PRO C 40 -8.70 15.50 -10.08
N GLY C 41 -8.11 15.66 -8.89
CA GLY C 41 -7.93 16.98 -8.32
C GLY C 41 -9.22 17.56 -7.77
N GLY C 42 -10.26 16.72 -7.72
CA GLY C 42 -11.54 17.14 -7.18
C GLY C 42 -11.77 16.53 -5.81
N THR C 43 -12.86 16.92 -5.16
CA THR C 43 -13.19 16.38 -3.84
C THR C 43 -14.07 15.14 -3.96
N VAL C 44 -14.18 14.40 -2.86
CA VAL C 44 -14.96 13.16 -2.83
C VAL C 44 -16.45 13.46 -2.78
N LYS C 45 -17.24 12.71 -3.53
CA LYS C 45 -18.68 12.95 -3.56
C LYS C 45 -19.48 11.66 -3.44
N LEU C 46 -20.56 11.72 -2.67
CA LEU C 46 -21.42 10.57 -2.45
C LEU C 46 -22.29 10.32 -3.68
N LEU C 47 -22.33 9.07 -4.12
CA LEU C 47 -23.18 8.66 -5.23
C LEU C 47 -24.36 7.87 -4.70
N ILE C 48 -24.06 6.74 -4.09
CA ILE C 48 -25.08 5.84 -3.56
C ILE C 48 -24.81 5.57 -2.10
N TYR C 49 -25.79 5.84 -1.25
CA TYR C 49 -25.68 5.47 0.15
C TYR C 49 -26.57 4.29 0.51
N TYR C 50 -26.50 3.86 1.76
CA TYR C 50 -26.93 2.51 2.12
C TYR C 50 -26.29 1.61 1.09
N SER C 51 -27.07 0.78 0.39
CA SER C 51 -26.47 -0.04 -0.65
C SER C 51 -27.03 0.25 -2.06
N SER C 52 -28.18 0.90 -2.13
CA SER C 52 -28.83 1.13 -3.40
C SER C 52 -29.68 2.41 -3.45
N THR C 53 -29.41 3.34 -2.54
CA THR C 53 -30.14 4.61 -2.53
C THR C 53 -29.37 5.71 -3.25
N LEU C 54 -29.94 6.21 -4.34
CA LEU C 54 -29.32 7.25 -5.14
C LEU C 54 -29.44 8.60 -4.45
N LEU C 55 -28.32 9.29 -4.28
CA LEU C 55 -28.34 10.63 -3.70
C LEU C 55 -29.04 11.59 -4.64
N SER C 56 -29.77 12.54 -4.08
CA SER C 56 -30.52 13.50 -4.88
C SER C 56 -29.57 14.45 -5.62
N GLY C 57 -29.76 14.57 -6.93
CA GLY C 57 -28.89 15.39 -7.75
C GLY C 57 -27.95 14.53 -8.58
N VAL C 58 -27.84 13.27 -8.19
CA VAL C 58 -27.02 12.30 -8.91
C VAL C 58 -27.85 11.61 -9.99
N PRO C 59 -27.33 11.58 -11.22
CA PRO C 59 -28.03 10.96 -12.36
C PRO C 59 -28.55 9.57 -12.03
N SER C 60 -29.61 9.15 -12.71
CA SER C 60 -30.17 7.81 -12.55
C SER C 60 -29.33 6.79 -13.31
N ARG C 61 -28.30 7.27 -14.00
CA ARG C 61 -27.35 6.42 -14.69
C ARG C 61 -26.58 5.57 -13.68
N PHE C 62 -26.52 6.06 -12.44
CA PHE C 62 -25.86 5.35 -11.36
C PHE C 62 -26.85 4.57 -10.53
N SER C 63 -26.56 3.29 -10.30
CA SER C 63 -27.39 2.46 -9.44
C SER C 63 -26.51 1.59 -8.55
N GLY C 64 -27.07 1.17 -7.42
CA GLY C 64 -26.36 0.31 -6.49
C GLY C 64 -27.06 -1.02 -6.30
N ARG C 65 -26.28 -2.04 -5.94
CA ARG C 65 -26.80 -3.39 -5.79
C ARG C 65 -25.92 -4.13 -4.80
N GLY C 66 -26.51 -4.95 -3.95
CA GLY C 66 -25.72 -5.77 -3.05
C GLY C 66 -26.27 -5.97 -1.65
N SER C 67 -25.61 -6.86 -0.91
CA SER C 67 -25.98 -7.19 0.45
C SER C 67 -24.95 -8.18 1.00
N GLY C 68 -24.55 -7.99 2.25
CA GLY C 68 -23.59 -8.87 2.88
C GLY C 68 -22.13 -8.51 2.57
N THR C 69 -21.56 -9.18 1.58
CA THR C 69 -20.15 -9.00 1.24
C THR C 69 -19.92 -8.65 -0.23
N ASP C 70 -20.97 -8.70 -1.02
CA ASP C 70 -20.85 -8.45 -2.46
C ASP C 70 -21.70 -7.27 -2.93
N PHE C 71 -21.03 -6.24 -3.43
CA PHE C 71 -21.71 -5.04 -3.90
C PHE C 71 -21.17 -4.63 -5.26
N SER C 72 -21.94 -3.82 -5.97
CA SER C 72 -21.55 -3.35 -7.28
C SER C 72 -22.19 -2.01 -7.63
N LEU C 73 -21.40 -1.12 -8.22
CA LEU C 73 -21.90 0.16 -8.72
C LEU C 73 -21.98 0.11 -10.24
N THR C 74 -23.20 0.16 -10.76
CA THR C 74 -23.41 0.11 -12.20
C THR C 74 -23.65 1.50 -12.78
N ILE C 75 -22.91 1.82 -13.82
CA ILE C 75 -23.09 3.07 -14.54
C ILE C 75 -23.58 2.78 -15.95
N THR C 76 -24.86 3.03 -16.18
CA THR C 76 -25.41 2.85 -17.52
C THR C 76 -25.12 4.07 -18.37
N ASN C 77 -24.74 3.81 -19.61
CA ASN C 77 -24.57 4.90 -20.55
C ASN C 77 -23.34 5.71 -20.22
N LEU C 78 -22.19 5.05 -20.21
CA LEU C 78 -20.95 5.70 -19.82
C LEU C 78 -20.79 7.05 -20.50
N GLU C 79 -20.46 8.06 -19.70
CA GLU C 79 -20.37 9.43 -20.17
C GLU C 79 -18.98 9.96 -19.87
N ARG C 80 -18.52 10.91 -20.67
CA ARG C 80 -17.15 11.39 -20.55
C ARG C 80 -16.88 12.02 -19.19
N GLU C 81 -17.93 12.55 -18.55
CA GLU C 81 -17.78 13.15 -17.23
C GLU C 81 -17.76 12.08 -16.15
N ASP C 82 -17.73 10.81 -16.58
CA ASP C 82 -17.68 9.70 -15.65
C ASP C 82 -16.25 9.28 -15.34
N ILE C 83 -15.29 9.93 -16.00
CA ILE C 83 -13.90 9.65 -15.76
C ILE C 83 -13.55 10.02 -14.33
N ALA C 84 -13.31 9.02 -13.50
CA ALA C 84 -13.03 9.23 -12.10
C ALA C 84 -12.63 7.93 -11.41
N THR C 85 -12.28 8.04 -10.13
CA THR C 85 -12.03 6.87 -9.28
C THR C 85 -13.25 6.65 -8.39
N TYR C 86 -13.68 5.40 -8.28
CA TYR C 86 -14.87 5.08 -7.50
C TYR C 86 -14.55 4.22 -6.29
N PHE C 87 -14.89 4.73 -5.11
CA PHE C 87 -14.59 4.04 -3.87
C PHE C 87 -15.84 3.41 -3.28
N CYS C 88 -15.64 2.28 -2.61
CA CYS C 88 -16.69 1.69 -1.80
C CYS C 88 -16.40 2.06 -0.36
N GLN C 89 -17.42 1.99 0.49
CA GLN C 89 -17.24 2.33 1.90
C GLN C 89 -18.31 1.70 2.78
N GLN C 90 -17.87 1.14 3.89
CA GLN C 90 -18.79 0.56 4.86
C GLN C 90 -18.91 1.44 6.09
N SER C 91 -20.11 1.49 6.65
CA SER C 91 -20.47 2.47 7.67
C SER C 91 -21.12 1.84 8.89
N ILE C 92 -21.03 0.52 8.99
CA ILE C 92 -21.78 -0.20 10.02
C ILE C 92 -20.95 -0.50 11.26
N THR C 93 -19.65 -0.65 11.07
CA THR C 93 -18.74 -0.93 12.18
C THR C 93 -17.53 0.02 12.18
N LEU C 94 -16.97 0.25 13.36
CA LEU C 94 -15.85 1.15 13.53
C LEU C 94 -14.52 0.38 13.51
N PRO C 95 -13.51 0.93 12.82
CA PRO C 95 -13.59 2.19 12.09
C PRO C 95 -14.23 2.00 10.74
N PRO C 96 -14.94 3.01 10.22
CA PRO C 96 -15.51 2.98 8.87
C PRO C 96 -14.39 2.94 7.85
N THR C 97 -14.42 1.97 6.93
CA THR C 97 -13.32 1.75 6.01
C THR C 97 -13.67 1.93 4.53
N PHE C 98 -12.65 2.24 3.73
CA PHE C 98 -12.83 2.46 2.30
C PHE C 98 -12.11 1.41 1.46
N GLY C 99 -12.60 1.20 0.25
CA GLY C 99 -11.91 0.36 -0.71
C GLY C 99 -10.78 1.10 -1.37
N GLY C 100 -9.91 0.39 -2.07
CA GLY C 100 -8.76 0.99 -2.72
C GLY C 100 -9.15 1.90 -3.86
N GLY C 101 -10.32 1.66 -4.43
CA GLY C 101 -10.82 2.47 -5.53
C GLY C 101 -10.66 1.80 -6.88
N THR C 102 -11.54 2.15 -7.81
CA THR C 102 -11.48 1.64 -9.16
C THR C 102 -11.54 2.78 -10.15
N LYS C 103 -10.40 3.09 -10.76
CA LYS C 103 -10.33 4.20 -11.70
C LYS C 103 -10.92 3.79 -13.04
N LEU C 104 -11.85 4.61 -13.53
CA LEU C 104 -12.53 4.32 -14.79
C LEU C 104 -11.91 5.11 -15.95
N GLU C 105 -11.37 4.39 -16.92
CA GLU C 105 -10.87 5.02 -18.13
C GLU C 105 -11.91 4.89 -19.25
N ILE C 106 -12.11 5.99 -19.98
CA ILE C 106 -13.06 6.00 -21.07
C ILE C 106 -12.34 6.07 -22.43
N LYS C 107 -12.52 5.02 -23.22
CA LYS C 107 -11.83 4.90 -24.49
C LYS C 107 -12.10 6.06 -25.44
N ARG C 108 -11.11 6.33 -26.28
CA ARG C 108 -11.27 7.24 -27.40
C ARG C 108 -10.43 6.68 -28.54
N ALA C 109 -10.40 7.38 -29.66
CA ALA C 109 -9.55 6.97 -30.77
C ALA C 109 -8.09 7.29 -30.44
N ASP C 110 -7.17 6.48 -30.95
CA ASP C 110 -5.75 6.70 -30.70
C ASP C 110 -5.34 8.10 -31.15
N ALA C 111 -4.56 8.76 -30.30
CA ALA C 111 -4.05 10.08 -30.62
C ALA C 111 -2.54 10.12 -30.40
N ALA C 112 -1.82 10.62 -31.39
CA ALA C 112 -0.37 10.72 -31.29
C ALA C 112 0.01 11.92 -30.42
N PRO C 113 1.11 11.80 -29.67
CA PRO C 113 1.57 12.89 -28.82
C PRO C 113 1.95 14.13 -29.62
N THR C 114 1.55 15.30 -29.13
CA THR C 114 2.01 16.56 -29.69
C THR C 114 3.23 17.00 -28.90
N VAL C 115 4.41 16.69 -29.43
CA VAL C 115 5.65 16.89 -28.72
C VAL C 115 6.21 18.29 -28.89
N SER C 116 6.68 18.87 -27.78
CA SER C 116 7.28 20.20 -27.80
C SER C 116 8.53 20.19 -26.92
N ILE C 117 9.66 20.60 -27.50
CA ILE C 117 10.91 20.64 -26.75
C ILE C 117 11.36 22.06 -26.46
N PHE C 118 11.85 22.28 -25.24
CA PHE C 118 12.30 23.60 -24.81
C PHE C 118 13.69 23.53 -24.21
N PRO C 119 14.59 24.42 -24.65
CA PRO C 119 15.93 24.53 -24.08
C PRO C 119 15.87 25.25 -22.74
N PRO C 120 16.94 25.18 -21.94
CA PRO C 120 16.98 25.92 -20.67
C PRO C 120 16.67 27.39 -20.92
N SER C 121 16.09 28.08 -19.94
CA SER C 121 15.86 29.51 -20.04
C SER C 121 17.15 30.22 -19.69
N SER C 122 17.31 31.46 -20.15
CA SER C 122 18.50 32.24 -19.82
C SER C 122 18.57 32.51 -18.33
N GLU C 123 17.41 32.59 -17.69
CA GLU C 123 17.34 32.85 -16.25
C GLU C 123 17.76 31.65 -15.42
N GLN C 124 17.56 30.45 -15.94
CA GLN C 124 17.96 29.25 -15.22
C GLN C 124 19.45 29.01 -15.38
N LEU C 125 20.01 29.48 -16.49
CA LEU C 125 21.45 29.35 -16.73
C LEU C 125 22.24 30.23 -15.79
N THR C 126 21.65 31.37 -15.41
CA THR C 126 22.33 32.31 -14.52
C THR C 126 22.50 31.71 -13.12
N SER C 127 21.89 30.56 -12.89
CA SER C 127 21.96 29.90 -11.59
C SER C 127 22.85 28.65 -11.64
N GLY C 128 23.35 28.34 -12.82
CA GLY C 128 24.26 27.21 -12.99
C GLY C 128 23.55 25.90 -13.27
N GLY C 129 22.27 25.98 -13.58
CA GLY C 129 21.48 24.80 -13.91
C GLY C 129 20.96 24.87 -15.33
N ALA C 130 20.52 23.73 -15.85
CA ALA C 130 20.00 23.66 -17.21
C ALA C 130 18.99 22.53 -17.39
N SER C 131 17.72 22.90 -17.47
CA SER C 131 16.64 21.92 -17.66
C SER C 131 16.04 22.01 -19.05
N VAL C 132 16.08 20.88 -19.76
CA VAL C 132 15.43 20.76 -21.06
C VAL C 132 14.08 20.09 -20.87
N VAL C 133 13.03 20.77 -21.31
CA VAL C 133 11.67 20.28 -21.10
C VAL C 133 11.05 19.80 -22.40
N CYS C 134 10.26 18.73 -22.31
CA CYS C 134 9.50 18.22 -23.44
C CYS C 134 8.11 17.86 -23.01
N PHE C 135 7.11 18.53 -23.60
CA PHE C 135 5.71 18.19 -23.36
C PHE C 135 5.25 17.19 -24.40
N LEU C 136 4.55 16.16 -23.96
CA LEU C 136 3.96 15.20 -24.87
C LEU C 136 2.46 15.16 -24.62
N ASN C 137 1.74 16.09 -25.24
CA ASN C 137 0.36 16.37 -24.86
C ASN C 137 -0.71 15.70 -25.72
N ASN C 138 -1.84 15.42 -25.08
CA ASN C 138 -3.04 14.92 -25.75
C ASN C 138 -2.82 13.66 -26.59
N PHE C 139 -2.46 12.57 -25.92
CA PHE C 139 -2.31 11.29 -26.61
C PHE C 139 -3.13 10.19 -25.95
N TYR C 140 -3.44 9.18 -26.75
CA TYR C 140 -4.13 7.98 -26.29
C TYR C 140 -3.60 6.81 -27.11
N PRO C 141 -3.34 5.67 -26.46
CA PRO C 141 -3.56 5.37 -25.04
C PRO C 141 -2.52 6.00 -24.10
N LYS C 142 -2.76 5.82 -22.80
CA LYS C 142 -1.91 6.35 -21.75
C LYS C 142 -0.47 5.85 -21.88
N ASP C 143 -0.31 4.71 -22.54
CA ASP C 143 0.98 4.03 -22.63
C ASP C 143 1.94 4.78 -23.55
N ILE C 144 3.00 5.35 -22.96
CA ILE C 144 4.00 6.05 -23.75
C ILE C 144 5.39 5.93 -23.13
N ASN C 145 6.41 6.06 -23.96
CA ASN C 145 7.79 5.95 -23.50
C ASN C 145 8.65 7.08 -24.04
N VAL C 146 9.34 7.78 -23.15
CA VAL C 146 10.23 8.86 -23.56
C VAL C 146 11.68 8.53 -23.24
N LYS C 147 12.58 8.91 -24.13
CA LYS C 147 14.00 8.76 -23.88
C LYS C 147 14.75 10.00 -24.36
N TRP C 148 15.79 10.37 -23.63
CA TRP C 148 16.58 11.55 -23.95
C TRP C 148 17.90 11.20 -24.62
N LYS C 149 18.36 12.08 -25.49
CA LYS C 149 19.62 11.88 -26.20
C LYS C 149 20.43 13.17 -26.25
N ILE C 150 21.68 13.10 -25.81
CA ILE C 150 22.59 14.22 -25.94
C ILE C 150 23.66 13.89 -26.97
N ASP C 151 23.63 14.62 -28.09
CA ASP C 151 24.58 14.42 -29.17
C ASP C 151 24.47 13.04 -29.80
N GLY C 152 23.48 12.26 -29.36
CA GLY C 152 23.25 10.94 -29.92
C GLY C 152 23.18 9.84 -28.88
N SER C 153 23.88 10.02 -27.77
CA SER C 153 23.88 9.02 -26.71
C SER C 153 22.72 9.24 -25.77
N GLU C 154 22.03 8.16 -25.41
CA GLU C 154 20.91 8.26 -24.49
C GLU C 154 21.37 8.81 -23.15
N ARG C 155 20.46 9.47 -22.44
CA ARG C 155 20.73 9.97 -21.10
C ARG C 155 19.55 9.63 -20.20
N GLN C 156 19.85 9.04 -19.05
CA GLN C 156 18.81 8.55 -18.15
C GLN C 156 18.84 9.27 -16.81
N ASN C 157 20.04 9.61 -16.35
CA ASN C 157 20.21 10.33 -15.09
C ASN C 157 19.85 11.80 -15.25
N GLY C 158 19.08 12.33 -14.30
CA GLY C 158 18.68 13.72 -14.32
C GLY C 158 17.32 13.93 -14.96
N VAL C 159 16.67 12.82 -15.33
CA VAL C 159 15.36 12.87 -15.96
C VAL C 159 14.23 12.85 -14.94
N LEU C 160 13.18 13.62 -15.21
CA LEU C 160 12.04 13.70 -14.30
C LEU C 160 10.74 13.75 -15.09
N ASN C 161 9.95 12.68 -15.00
CA ASN C 161 8.71 12.58 -15.76
C ASN C 161 7.46 12.80 -14.92
N SER C 162 6.44 13.39 -15.55
CA SER C 162 5.18 13.60 -14.87
C SER C 162 4.01 13.28 -15.81
N TRP C 163 2.96 12.69 -15.27
CA TRP C 163 1.81 12.31 -16.05
C TRP C 163 0.53 12.89 -15.47
N THR C 164 -0.39 13.25 -16.36
CA THR C 164 -1.70 13.71 -15.96
C THR C 164 -2.66 12.53 -16.03
N ASP C 165 -3.81 12.67 -15.38
CA ASP C 165 -4.86 11.67 -15.48
C ASP C 165 -5.65 11.92 -16.75
N GLN C 166 -6.52 10.98 -17.12
CA GLN C 166 -7.29 11.12 -18.35
C GLN C 166 -8.07 12.42 -18.35
N ASP C 167 -7.91 13.19 -19.43
CA ASP C 167 -8.61 14.45 -19.57
C ASP C 167 -10.09 14.20 -19.83
N SER C 168 -10.94 14.72 -18.94
CA SER C 168 -12.38 14.47 -19.01
C SER C 168 -13.05 15.25 -20.14
N LYS C 169 -12.25 15.92 -20.97
CA LYS C 169 -12.79 16.68 -22.09
C LYS C 169 -12.63 15.92 -23.41
N ASP C 170 -11.45 15.36 -23.65
CA ASP C 170 -11.18 14.65 -24.89
C ASP C 170 -10.63 13.25 -24.65
N SER C 171 -10.57 12.83 -23.39
CA SER C 171 -10.15 11.47 -23.04
C SER C 171 -8.69 11.18 -23.33
N THR C 172 -7.87 12.23 -23.40
CA THR C 172 -6.45 12.06 -23.70
C THR C 172 -5.58 12.08 -22.44
N TYR C 173 -4.29 11.82 -22.64
CA TYR C 173 -3.30 11.92 -21.58
C TYR C 173 -2.20 12.87 -22.03
N SER C 174 -1.51 13.45 -21.05
CA SER C 174 -0.37 14.31 -21.36
C SER C 174 0.80 13.93 -20.47
N MET C 175 2.00 14.18 -20.97
CA MET C 175 3.20 13.83 -20.22
C MET C 175 4.21 14.97 -20.25
N SER C 176 5.14 14.95 -19.31
CA SER C 176 6.17 15.98 -19.21
C SER C 176 7.49 15.39 -18.73
N SER C 177 8.51 15.45 -19.59
CA SER C 177 9.83 14.97 -19.23
C SER C 177 10.78 16.15 -19.12
N THR C 178 11.42 16.28 -17.95
CA THR C 178 12.40 17.33 -17.73
C THR C 178 13.76 16.75 -17.42
N LEU C 179 14.71 16.99 -18.31
CA LEU C 179 16.09 16.52 -18.14
C LEU C 179 16.96 17.65 -17.61
N THR C 180 17.52 17.45 -16.42
CA THR C 180 18.31 18.49 -15.77
C THR C 180 19.79 18.15 -15.68
N LEU C 181 20.63 19.09 -16.11
CA LEU C 181 22.07 18.99 -15.90
C LEU C 181 22.58 20.32 -15.36
N THR C 182 23.88 20.39 -15.12
CA THR C 182 24.51 21.65 -14.75
C THR C 182 24.78 22.46 -16.01
N LYS C 183 24.70 23.78 -15.89
CA LYS C 183 24.97 24.66 -17.02
C LYS C 183 26.34 24.35 -17.61
N ASP C 184 27.23 23.83 -16.78
CA ASP C 184 28.60 23.57 -17.20
C ASP C 184 28.68 22.33 -18.10
N GLU C 185 27.66 21.49 -18.04
CA GLU C 185 27.64 20.33 -18.89
C GLU C 185 26.80 20.54 -20.12
N TYR C 186 25.70 21.22 -19.99
CA TYR C 186 25.00 21.80 -21.12
C TYR C 186 25.92 22.90 -21.48
N GLU C 187 26.37 22.96 -22.71
CA GLU C 187 27.25 24.02 -23.13
C GLU C 187 28.46 23.35 -23.63
N ARG C 188 28.46 22.07 -23.37
CA ARG C 188 29.53 21.19 -23.68
C ARG C 188 28.94 20.14 -24.59
N HIS C 189 27.73 20.36 -25.09
CA HIS C 189 27.05 19.51 -26.09
C HIS C 189 26.18 20.32 -27.01
N ASN C 190 25.73 19.75 -28.11
CA ASN C 190 24.98 20.57 -29.06
C ASN C 190 23.55 20.08 -29.27
N SER C 191 23.40 18.77 -29.43
CA SER C 191 22.11 18.19 -29.78
C SER C 191 21.41 17.59 -28.57
N TYR C 192 20.15 17.98 -28.37
CA TYR C 192 19.33 17.42 -27.31
C TYR C 192 18.03 16.92 -27.90
N THR C 193 17.72 15.65 -27.66
CA THR C 193 16.61 15.02 -28.35
C THR C 193 15.66 14.30 -27.41
N CYS C 194 14.36 14.36 -27.71
CA CYS C 194 13.34 13.69 -26.90
C CYS C 194 12.44 12.85 -27.78
N GLU C 195 12.58 11.53 -27.61
CA GLU C 195 11.90 10.56 -28.46
C GLU C 195 10.78 9.83 -27.73
N ALA C 196 9.57 9.91 -28.30
CA ALA C 196 8.41 9.25 -27.71
C ALA C 196 8.10 7.96 -28.47
N THR C 197 8.10 6.85 -27.75
CA THR C 197 7.69 5.56 -28.30
C THR C 197 6.23 5.31 -27.94
N HIS C 198 5.35 5.48 -28.91
CA HIS C 198 3.92 5.35 -28.69
C HIS C 198 3.30 4.45 -29.74
N LYS C 199 2.15 3.86 -29.44
CA LYS C 199 1.56 2.87 -30.33
C LYS C 199 1.05 3.47 -31.64
N THR C 200 0.92 4.79 -31.67
CA THR C 200 0.42 5.45 -32.87
C THR C 200 1.50 5.65 -33.93
N SER C 201 2.70 5.15 -33.66
CA SER C 201 3.80 5.28 -34.59
C SER C 201 4.65 4.01 -34.65
N THR C 202 5.08 3.67 -35.87
CA THR C 202 5.95 2.52 -36.09
C THR C 202 7.37 2.89 -35.74
N SER C 203 7.68 4.18 -35.84
CA SER C 203 8.97 4.73 -35.43
C SER C 203 8.74 5.89 -34.47
N PRO C 204 9.67 6.08 -33.51
CA PRO C 204 9.46 7.05 -32.44
C PRO C 204 9.20 8.47 -32.95
N ILE C 205 8.52 9.27 -32.13
CA ILE C 205 8.29 10.68 -32.44
C ILE C 205 9.41 11.52 -31.82
N VAL C 206 10.21 12.13 -32.68
CA VAL C 206 11.41 12.83 -32.24
C VAL C 206 11.27 14.34 -32.27
N LYS C 207 11.84 15.00 -31.25
CA LYS C 207 11.94 16.45 -31.20
C LYS C 207 13.32 16.82 -30.68
N SER C 208 13.89 17.90 -31.22
CA SER C 208 15.23 18.31 -30.82
C SER C 208 15.57 19.73 -31.22
N PHE C 209 16.66 20.23 -30.64
CA PHE C 209 17.18 21.56 -30.98
C PHE C 209 18.70 21.51 -30.87
N ASN C 210 19.36 22.45 -31.53
CA ASN C 210 20.80 22.58 -31.42
C ASN C 210 21.20 23.91 -30.78
N ARG C 211 22.22 23.88 -29.95
CA ARG C 211 22.67 25.08 -29.24
C ARG C 211 23.34 26.08 -30.17
N GLU D 1 -25.84 25.75 -0.52
CA GLU D 1 -25.39 24.37 -0.37
C GLU D 1 -24.63 24.19 0.93
N VAL D 2 -24.45 22.93 1.33
CA VAL D 2 -23.58 22.63 2.47
C VAL D 2 -22.15 22.87 2.06
N GLN D 3 -21.53 23.88 2.65
CA GLN D 3 -20.16 24.24 2.31
C GLN D 3 -19.23 23.88 3.46
N LEU D 4 -18.11 23.22 3.14
CA LEU D 4 -17.12 22.86 4.13
C LEU D 4 -15.74 23.30 3.64
N VAL D 5 -15.03 24.09 4.45
CA VAL D 5 -13.74 24.61 4.05
C VAL D 5 -12.67 24.35 5.11
N GLU D 6 -11.66 23.55 4.76
CA GLU D 6 -10.58 23.25 5.68
C GLU D 6 -9.43 24.23 5.54
N SER D 7 -8.75 24.50 6.65
CA SER D 7 -7.58 25.36 6.67
C SER D 7 -6.62 24.93 7.76
N GLY D 8 -5.44 25.54 7.78
CA GLY D 8 -4.46 25.24 8.81
C GLY D 8 -3.38 24.26 8.36
N GLY D 9 -3.62 23.59 7.25
CA GLY D 9 -2.66 22.63 6.72
C GLY D 9 -1.32 23.26 6.39
N GLY D 10 -0.30 22.44 6.26
CA GLY D 10 1.03 22.92 5.92
C GLY D 10 2.14 21.97 6.34
N LEU D 11 3.35 22.49 6.42
CA LEU D 11 4.51 21.69 6.78
C LEU D 11 4.70 21.67 8.29
N VAL D 12 4.80 20.46 8.84
CA VAL D 12 5.02 20.29 10.27
C VAL D 12 6.10 19.25 10.50
N LYS D 13 6.91 19.45 11.53
CA LYS D 13 8.04 18.57 11.81
C LYS D 13 7.61 17.24 12.45
N PRO D 14 8.39 16.19 12.21
CA PRO D 14 8.18 14.89 12.84
C PRO D 14 8.14 15.02 14.36
N GLY D 15 7.00 14.73 14.97
CA GLY D 15 6.84 14.85 16.41
C GLY D 15 6.17 16.15 16.81
N GLY D 16 5.80 16.94 15.79
CA GLY D 16 5.19 18.23 16.02
C GLY D 16 3.67 18.18 16.02
N SER D 17 3.05 19.34 16.18
CA SER D 17 1.59 19.43 16.27
C SER D 17 1.01 20.42 15.27
N LEU D 18 -0.25 20.23 14.92
CA LEU D 18 -0.93 21.10 13.96
C LEU D 18 -2.43 21.10 14.18
N LYS D 19 -3.01 22.29 14.32
CA LYS D 19 -4.45 22.43 14.47
C LYS D 19 -5.12 22.79 13.16
N LEU D 20 -6.01 21.91 12.69
CA LEU D 20 -6.75 22.14 11.46
C LEU D 20 -8.14 22.68 11.76
N SER D 21 -8.65 23.50 10.86
CA SER D 21 -10.00 24.04 11.01
C SER D 21 -10.91 23.62 9.87
N CYS D 22 -12.20 23.48 10.17
CA CYS D 22 -13.20 23.23 9.14
C CYS D 22 -14.36 24.20 9.32
N ALA D 23 -14.40 25.22 8.47
CA ALA D 23 -15.47 26.20 8.51
C ALA D 23 -16.67 25.69 7.74
N VAL D 24 -17.79 25.52 8.45
CA VAL D 24 -19.00 24.97 7.85
C VAL D 24 -20.06 26.04 7.64
N SER D 25 -20.94 25.81 6.66
CA SER D 25 -22.02 26.74 6.35
C SER D 25 -23.09 26.07 5.48
N GLY D 26 -24.30 26.62 5.53
CA GLY D 26 -25.39 26.14 4.71
C GLY D 26 -26.27 25.13 5.42
N PHE D 27 -25.97 24.87 6.68
CA PHE D 27 -26.76 23.94 7.48
C PHE D 27 -26.60 24.27 8.96
N THR D 28 -27.37 23.60 9.81
CA THR D 28 -27.25 23.79 11.24
C THR D 28 -26.17 22.88 11.80
N PHE D 29 -24.97 23.45 11.96
CA PHE D 29 -23.79 22.71 12.41
C PHE D 29 -24.04 21.85 13.65
N SER D 30 -24.92 22.31 14.53
CA SER D 30 -25.15 21.65 15.81
C SER D 30 -25.97 20.35 15.70
N ASP D 31 -26.57 20.12 14.54
CA ASP D 31 -27.43 18.96 14.34
C ASP D 31 -26.65 17.70 13.98
N TYR D 32 -25.35 17.83 13.78
CA TYR D 32 -24.58 16.76 13.17
C TYR D 32 -23.37 16.29 13.95
N ALA D 33 -23.09 15.00 13.83
CA ALA D 33 -21.81 14.45 14.24
C ALA D 33 -20.84 14.64 13.08
N MET D 34 -19.73 15.31 13.34
CA MET D 34 -18.79 15.67 12.29
C MET D 34 -17.54 14.78 12.32
N SER D 35 -16.92 14.60 11.16
CA SER D 35 -15.79 13.68 11.06
C SER D 35 -14.64 14.22 10.22
N TRP D 36 -13.44 13.74 10.52
CA TRP D 36 -12.27 14.00 9.69
C TRP D 36 -11.89 12.73 8.95
N ILE D 37 -11.51 12.89 7.68
CA ILE D 37 -11.07 11.78 6.86
C ILE D 37 -9.90 12.26 6.02
N ARG D 38 -8.83 11.46 5.95
CA ARG D 38 -7.66 11.85 5.19
C ARG D 38 -7.39 10.94 4.00
N GLN D 39 -6.65 11.46 3.04
CA GLN D 39 -6.25 10.68 1.87
C GLN D 39 -4.74 10.70 1.75
N THR D 40 -4.13 9.51 1.78
CA THR D 40 -2.68 9.38 1.76
C THR D 40 -2.11 9.60 0.37
N PRO D 41 -0.79 9.83 0.28
CA PRO D 41 -0.11 9.98 -1.01
C PRO D 41 -0.39 8.79 -1.94
N GLU D 42 -0.77 7.66 -1.36
CA GLU D 42 -1.06 6.46 -2.14
C GLU D 42 -2.50 6.46 -2.64
N ASN D 43 -3.25 7.51 -2.27
CA ASN D 43 -4.63 7.69 -2.72
C ASN D 43 -5.66 6.89 -1.93
N ARG D 44 -5.28 6.39 -0.76
CA ARG D 44 -6.18 5.59 0.06
C ARG D 44 -6.84 6.42 1.17
N LEU D 45 -8.16 6.33 1.24
CA LEU D 45 -8.94 7.09 2.22
C LEU D 45 -9.03 6.39 3.56
N GLU D 46 -8.63 7.10 4.62
CA GLU D 46 -8.70 6.55 5.97
C GLU D 46 -9.51 7.48 6.89
N TRP D 47 -10.16 6.89 7.88
CA TRP D 47 -10.89 7.64 8.88
C TRP D 47 -9.90 8.27 9.86
N VAL D 48 -10.26 9.41 10.44
CA VAL D 48 -9.35 10.11 11.34
C VAL D 48 -9.98 10.35 12.71
N ALA D 49 -11.19 10.90 12.73
CA ALA D 49 -11.86 11.24 13.98
C ALA D 49 -13.34 11.60 13.78
N SER D 50 -14.15 11.25 14.76
CA SER D 50 -15.56 11.61 14.75
C SER D 50 -15.96 12.18 16.11
N ILE D 51 -16.87 13.15 16.09
CA ILE D 51 -17.40 13.74 17.31
C ILE D 51 -18.91 13.76 17.21
N ASN D 52 -19.58 13.55 18.35
CA ASN D 52 -21.04 13.52 18.35
C ASN D 52 -21.65 14.91 18.52
N ILE D 53 -22.98 14.97 18.56
CA ILE D 53 -23.69 16.23 18.69
C ILE D 53 -23.32 16.97 19.97
N GLY D 54 -23.35 16.26 21.09
CA GLY D 54 -23.14 16.87 22.39
C GLY D 54 -21.69 17.10 22.75
N ALA D 55 -20.78 16.70 21.87
CA ALA D 55 -19.35 16.84 22.13
C ALA D 55 -18.95 16.10 23.40
N THR D 56 -19.65 15.02 23.70
CA THR D 56 -19.36 14.23 24.89
C THR D 56 -18.71 12.90 24.52
N TYR D 57 -18.72 12.60 23.22
CA TYR D 57 -18.05 11.39 22.73
C TYR D 57 -17.29 11.65 21.44
N ALA D 58 -16.15 10.98 21.29
CA ALA D 58 -15.32 11.11 20.11
C ALA D 58 -14.68 9.78 19.75
N TYR D 59 -14.64 9.48 18.45
CA TYR D 59 -14.03 8.24 18.01
C TYR D 59 -12.80 8.45 17.14
N TYR D 60 -11.73 7.72 17.46
CA TYR D 60 -10.52 7.73 16.65
C TYR D 60 -10.08 6.29 16.37
N PRO D 61 -9.63 6.02 15.15
CA PRO D 61 -9.02 4.72 14.83
C PRO D 61 -7.69 4.53 15.55
N ASP D 62 -7.21 3.29 15.62
CA ASP D 62 -5.95 2.98 16.32
C ASP D 62 -4.74 3.61 15.66
N SER D 63 -4.93 4.14 14.45
CA SER D 63 -3.84 4.77 13.71
C SER D 63 -3.56 6.17 14.23
N VAL D 64 -4.61 6.81 14.75
CA VAL D 64 -4.54 8.22 15.09
C VAL D 64 -4.88 8.48 16.56
N LYS D 65 -5.54 7.49 17.17
CA LYS D 65 -5.98 7.58 18.56
C LYS D 65 -4.81 7.74 19.53
N GLY D 66 -5.04 8.55 20.57
CA GLY D 66 -4.02 8.81 21.58
C GLY D 66 -3.18 10.02 21.22
N ARG D 67 -3.26 10.46 19.97
CA ARG D 67 -2.46 11.58 19.50
C ARG D 67 -3.33 12.73 18.99
N PHE D 68 -4.45 12.40 18.34
CA PHE D 68 -5.33 13.40 17.76
C PHE D 68 -6.51 13.71 18.66
N THR D 69 -7.11 14.88 18.44
CA THR D 69 -8.25 15.30 19.22
C THR D 69 -9.25 16.08 18.37
N ILE D 70 -10.47 15.56 18.27
CA ILE D 70 -11.52 16.25 17.55
C ILE D 70 -12.34 17.12 18.51
N SER D 71 -12.61 18.35 18.09
CA SER D 71 -13.38 19.29 18.88
C SER D 71 -14.25 20.15 17.98
N ARG D 72 -15.22 20.83 18.58
CA ARG D 72 -16.14 21.65 17.80
C ARG D 72 -16.51 22.95 18.51
N ASP D 73 -16.90 23.94 17.71
CA ASP D 73 -17.35 25.22 18.22
C ASP D 73 -18.56 25.67 17.42
N ASN D 74 -19.75 25.30 17.89
CA ASN D 74 -20.98 25.55 17.16
C ASN D 74 -21.23 27.03 16.88
N ALA D 75 -20.68 27.89 17.73
CA ALA D 75 -20.88 29.33 17.58
C ALA D 75 -20.03 29.90 16.43
N LYS D 76 -18.87 29.27 16.21
CA LYS D 76 -17.98 29.68 15.13
C LYS D 76 -18.23 28.84 13.88
N ASN D 77 -19.13 27.86 14.00
CA ASN D 77 -19.39 26.92 12.92
C ASN D 77 -18.10 26.27 12.46
N THR D 78 -17.29 25.81 13.41
CA THR D 78 -15.97 25.29 13.07
C THR D 78 -15.66 23.97 13.75
N LEU D 79 -15.09 23.05 12.98
CA LEU D 79 -14.63 21.77 13.48
C LEU D 79 -13.11 21.80 13.55
N PHE D 80 -12.54 21.24 14.61
CA PHE D 80 -11.09 21.24 14.77
C PHE D 80 -10.51 19.83 14.83
N LEU D 81 -9.26 19.71 14.42
CA LEU D 81 -8.50 18.49 14.63
C LEU D 81 -7.10 18.85 15.13
N GLN D 82 -6.87 18.63 16.42
CA GLN D 82 -5.55 18.87 17.01
C GLN D 82 -4.68 17.64 16.78
N MET D 83 -3.72 17.77 15.87
CA MET D 83 -2.79 16.70 15.59
C MET D 83 -1.52 16.91 16.40
N SER D 84 -0.95 15.82 16.92
CA SER D 84 0.26 15.90 17.72
C SER D 84 1.13 14.67 17.50
N SER D 85 2.41 14.78 17.83
CA SER D 85 3.36 13.70 17.64
C SER D 85 3.23 13.15 16.22
N LEU D 86 3.34 14.04 15.24
CA LEU D 86 3.12 13.69 13.85
C LEU D 86 4.27 12.94 13.20
N GLY D 87 3.93 11.95 12.38
CA GLY D 87 4.91 11.21 11.61
C GLY D 87 4.66 11.38 10.13
N SER D 88 5.63 11.00 9.31
CA SER D 88 5.49 11.11 7.86
C SER D 88 4.34 10.23 7.36
N GLU D 89 3.92 9.30 8.21
CA GLU D 89 2.81 8.41 7.87
C GLU D 89 1.49 9.14 8.06
N ASP D 90 1.57 10.37 8.60
CA ASP D 90 0.38 11.20 8.81
C ASP D 90 0.24 12.22 7.69
N THR D 91 1.14 12.18 6.73
CA THR D 91 1.07 13.08 5.59
C THR D 91 -0.11 12.71 4.70
N ALA D 92 -1.02 13.65 4.52
CA ALA D 92 -2.22 13.39 3.74
C ALA D 92 -3.05 14.64 3.50
N MET D 93 -4.13 14.49 2.73
CA MET D 93 -5.11 15.54 2.53
C MET D 93 -6.27 15.31 3.50
N TYR D 94 -6.48 16.25 4.41
CA TYR D 94 -7.50 16.11 5.44
C TYR D 94 -8.80 16.81 5.07
N TYR D 95 -9.90 16.08 5.21
CA TYR D 95 -11.21 16.61 4.90
C TYR D 95 -12.11 16.60 6.12
N CYS D 96 -12.98 17.59 6.20
CA CYS D 96 -14.10 17.52 7.12
C CYS D 96 -15.28 17.05 6.31
N ALA D 97 -16.13 16.23 6.91
CA ALA D 97 -17.26 15.66 6.17
C ALA D 97 -18.53 15.64 7.02
N ARG D 98 -19.66 15.86 6.37
CA ARG D 98 -20.93 15.91 7.07
C ARG D 98 -21.84 14.77 6.60
N PRO D 99 -22.45 14.06 7.57
CA PRO D 99 -23.40 12.98 7.26
C PRO D 99 -24.55 13.48 6.38
N GLY D 100 -25.24 12.56 5.71
CA GLY D 100 -26.33 12.93 4.84
C GLY D 100 -27.57 13.34 5.61
N SER D 101 -27.76 12.75 6.78
CA SER D 101 -28.91 13.08 7.61
C SER D 101 -28.52 13.10 9.08
N PRO D 102 -29.18 13.95 9.88
CA PRO D 102 -28.92 14.05 11.31
C PRO D 102 -29.74 13.05 12.12
N TYR D 103 -30.68 12.39 11.44
CA TYR D 103 -31.59 11.48 12.09
C TYR D 103 -31.09 10.04 12.06
N GLU D 104 -30.85 9.51 13.26
CA GLU D 104 -30.28 8.19 13.46
C GLU D 104 -31.01 7.09 12.67
N TYR D 105 -32.21 7.40 12.20
CA TYR D 105 -33.11 6.36 11.68
C TYR D 105 -33.29 6.29 10.16
N ASP D 106 -32.74 7.23 9.40
CA ASP D 106 -32.81 7.12 7.95
C ASP D 106 -31.44 6.85 7.31
N LYS D 107 -31.47 6.13 6.21
CA LYS D 107 -30.28 5.63 5.54
C LYS D 107 -29.13 6.64 5.43
N ALA D 108 -29.46 7.89 5.11
CA ALA D 108 -28.45 8.91 4.85
C ALA D 108 -27.57 9.20 6.06
N TYR D 109 -28.07 8.90 7.25
CA TYR D 109 -27.31 9.12 8.48
C TYR D 109 -26.00 8.35 8.46
N TYR D 110 -25.90 7.38 7.57
CA TYR D 110 -24.74 6.48 7.51
C TYR D 110 -23.88 6.68 6.27
N SER D 111 -23.98 7.86 5.69
CA SER D 111 -23.12 8.24 4.58
C SER D 111 -22.57 9.64 4.83
N MET D 112 -21.49 9.98 4.14
CA MET D 112 -20.93 11.33 4.22
C MET D 112 -21.23 12.06 2.91
N ALA D 113 -22.40 12.69 2.84
CA ALA D 113 -22.88 13.30 1.60
C ALA D 113 -22.09 14.54 1.20
N TYR D 114 -21.39 15.14 2.15
CA TYR D 114 -20.70 16.39 1.91
C TYR D 114 -19.26 16.37 2.40
N TRP D 115 -18.35 16.74 1.50
CA TRP D 115 -16.94 16.81 1.82
C TRP D 115 -16.39 18.20 1.52
N GLY D 116 -15.30 18.56 2.18
CA GLY D 116 -14.57 19.76 1.84
C GLY D 116 -13.49 19.43 0.82
N PRO D 117 -12.90 20.47 0.19
CA PRO D 117 -11.84 20.23 -0.79
C PRO D 117 -10.57 19.71 -0.12
N GLY D 118 -10.45 19.89 1.19
CA GLY D 118 -9.36 19.37 1.96
C GLY D 118 -8.23 20.36 2.20
N THR D 119 -7.37 20.03 3.16
CA THR D 119 -6.19 20.82 3.46
C THR D 119 -4.98 19.91 3.61
N SER D 120 -3.90 20.26 2.93
CA SER D 120 -2.72 19.40 2.87
C SER D 120 -1.84 19.51 4.10
N VAL D 121 -1.43 18.37 4.64
CA VAL D 121 -0.49 18.32 5.77
C VAL D 121 0.70 17.45 5.44
N THR D 122 1.89 18.03 5.50
CA THR D 122 3.11 17.30 5.22
C THR D 122 4.02 17.24 6.43
N VAL D 123 4.29 16.04 6.92
CA VAL D 123 5.18 15.85 8.05
C VAL D 123 6.57 15.49 7.54
N SER D 124 7.46 16.46 7.55
CA SER D 124 8.80 16.28 7.00
C SER D 124 9.85 17.05 7.79
N SER D 125 11.11 16.70 7.59
CA SER D 125 12.22 17.42 8.20
C SER D 125 12.86 18.38 7.20
N ALA D 126 12.43 18.28 5.95
CA ALA D 126 12.91 19.16 4.90
C ALA D 126 12.47 20.60 5.16
N LYS D 127 13.16 21.54 4.55
CA LYS D 127 12.91 22.96 4.78
C LYS D 127 12.04 23.59 3.71
N THR D 128 11.31 24.63 4.11
CA THR D 128 10.47 25.38 3.18
C THR D 128 11.34 26.14 2.19
N THR D 129 11.17 25.83 0.91
CA THR D 129 11.93 26.49 -0.14
C THR D 129 10.99 27.08 -1.19
N PRO D 130 11.21 28.34 -1.57
CA PRO D 130 10.40 29.00 -2.59
C PRO D 130 10.68 28.45 -3.98
N PRO D 131 9.74 28.63 -4.92
CA PRO D 131 9.88 28.12 -6.29
C PRO D 131 10.69 29.04 -7.18
N SER D 132 11.45 28.46 -8.10
CA SER D 132 12.07 29.21 -9.18
C SER D 132 11.26 28.94 -10.43
N VAL D 133 10.70 30.01 -11.02
CA VAL D 133 9.82 29.86 -12.17
C VAL D 133 10.53 30.22 -13.46
N TYR D 134 10.58 29.26 -14.39
CA TYR D 134 11.29 29.43 -15.65
C TYR D 134 10.36 29.43 -16.86
N PRO D 135 10.60 30.34 -17.81
CA PRO D 135 9.82 30.47 -19.03
C PRO D 135 10.13 29.36 -20.05
N LEU D 136 9.11 28.93 -20.79
CA LEU D 136 9.28 27.95 -21.86
C LEU D 136 8.76 28.53 -23.17
N ALA D 137 9.65 29.06 -23.98
CA ALA D 137 9.28 29.66 -25.26
C ALA D 137 10.06 29.05 -26.41
N PRO D 138 9.46 29.01 -27.61
CA PRO D 138 10.14 28.55 -28.82
C PRO D 138 11.05 29.63 -29.38
N GLY D 139 12.32 29.29 -29.57
CA GLY D 139 13.28 30.23 -30.10
C GLY D 139 14.48 29.57 -30.74
N SER D 140 15.18 30.31 -31.58
CA SER D 140 16.36 29.80 -32.28
C SER D 140 16.02 28.58 -33.13
N ALA D 141 15.56 28.84 -34.35
CA ALA D 141 15.20 27.76 -35.28
C ALA D 141 14.22 26.80 -34.63
N ALA D 142 13.16 27.36 -34.05
CA ALA D 142 12.15 26.55 -33.36
C ALA D 142 11.15 25.96 -34.33
N GLN D 143 10.04 26.66 -34.54
CA GLN D 143 8.97 26.19 -35.42
C GLN D 143 8.26 27.38 -36.07
N THR D 144 7.29 27.10 -36.94
CA THR D 144 6.56 28.16 -37.62
C THR D 144 5.09 27.84 -37.85
N ASN D 145 4.46 27.15 -36.90
CA ASN D 145 3.04 26.81 -37.07
C ASN D 145 2.06 27.75 -36.36
N SER D 146 0.77 27.52 -36.61
CA SER D 146 -0.30 28.42 -36.22
C SER D 146 -1.01 28.02 -34.92
N MET D 147 -0.35 27.20 -34.12
CA MET D 147 -0.87 26.83 -32.80
C MET D 147 0.31 26.57 -31.88
N VAL D 148 0.59 27.54 -31.00
CA VAL D 148 1.83 27.55 -30.23
C VAL D 148 1.67 27.01 -28.82
N THR D 149 2.64 26.21 -28.39
CA THR D 149 2.67 25.72 -27.03
C THR D 149 3.76 26.44 -26.22
N LEU D 150 3.34 27.04 -25.11
CA LEU D 150 4.27 27.69 -24.21
C LEU D 150 4.19 26.97 -22.87
N GLY D 151 5.04 27.34 -21.92
CA GLY D 151 5.04 26.66 -20.64
C GLY D 151 5.78 27.37 -19.53
N CYS D 152 5.61 26.86 -18.31
CA CYS D 152 6.29 27.42 -17.16
C CYS D 152 6.89 26.30 -16.32
N LEU D 153 8.17 26.44 -15.98
CA LEU D 153 8.89 25.42 -15.23
C LEU D 153 9.06 25.85 -13.78
N VAL D 154 8.31 25.21 -12.89
CA VAL D 154 8.38 25.52 -11.47
C VAL D 154 9.25 24.50 -10.76
N LYS D 155 10.29 24.96 -10.08
CA LYS D 155 11.36 24.07 -9.64
C LYS D 155 12.00 24.44 -8.31
N GLY D 156 12.32 23.42 -7.52
CA GLY D 156 13.11 23.58 -6.31
C GLY D 156 12.37 24.17 -5.12
N TYR D 157 11.12 23.76 -4.93
CA TYR D 157 10.33 24.29 -3.82
C TYR D 157 9.88 23.19 -2.85
N PHE D 158 9.52 23.62 -1.64
CA PHE D 158 9.01 22.71 -0.63
C PHE D 158 8.22 23.49 0.43
N PRO D 159 7.04 22.96 0.82
CA PRO D 159 6.50 21.72 0.30
C PRO D 159 5.40 22.02 -0.71
N GLU D 160 4.49 21.08 -0.87
CA GLU D 160 3.27 21.28 -1.64
C GLU D 160 2.21 21.94 -0.77
N PRO D 161 1.19 22.54 -1.39
CA PRO D 161 1.05 22.61 -2.85
C PRO D 161 1.66 23.86 -3.46
N VAL D 162 1.71 23.86 -4.79
CA VAL D 162 1.96 25.06 -5.57
C VAL D 162 0.81 25.20 -6.56
N THR D 163 0.33 26.43 -6.74
CA THR D 163 -0.78 26.68 -7.64
C THR D 163 -0.35 27.46 -8.86
N VAL D 164 -0.87 27.07 -10.02
CA VAL D 164 -0.50 27.70 -11.28
C VAL D 164 -1.74 28.09 -12.09
N THR D 165 -1.68 29.27 -12.69
CA THR D 165 -2.70 29.71 -13.62
C THR D 165 -2.04 30.47 -14.78
N TRP D 166 -2.82 30.80 -15.79
CA TRP D 166 -2.32 31.60 -16.91
C TRP D 166 -3.21 32.82 -17.11
N ASN D 167 -2.59 33.97 -17.30
CA ASN D 167 -3.32 35.23 -17.41
C ASN D 167 -4.32 35.39 -16.27
N SER D 168 -3.90 35.01 -15.07
CA SER D 168 -4.71 35.14 -13.87
C SER D 168 -5.97 34.28 -13.90
N GLY D 169 -5.94 33.22 -14.72
CA GLY D 169 -7.05 32.30 -14.81
C GLY D 169 -7.96 32.57 -16.00
N SER D 170 -7.58 33.56 -16.81
CA SER D 170 -8.34 33.90 -18.00
C SER D 170 -8.02 32.94 -19.13
N LEU D 171 -6.86 32.29 -19.04
CA LEU D 171 -6.49 31.21 -19.96
C LEU D 171 -6.69 29.87 -19.28
N SER D 172 -7.76 29.17 -19.66
CA SER D 172 -8.12 27.93 -18.99
C SER D 172 -7.96 26.70 -19.89
N SER D 173 -8.33 26.85 -21.16
CA SER D 173 -8.22 25.75 -22.12
C SER D 173 -6.85 25.71 -22.79
N GLY D 174 -6.46 24.53 -23.26
CA GLY D 174 -5.15 24.33 -23.84
C GLY D 174 -4.08 24.24 -22.77
N VAL D 175 -4.53 24.18 -21.51
CA VAL D 175 -3.62 24.15 -20.38
C VAL D 175 -3.42 22.75 -19.82
N HIS D 176 -2.16 22.40 -19.54
CA HIS D 176 -1.83 21.15 -18.88
C HIS D 176 -0.89 21.37 -17.71
N THR D 177 -1.44 21.39 -16.49
CA THR D 177 -0.61 21.50 -15.30
C THR D 177 -0.32 20.10 -14.75
N PHE D 178 0.95 19.75 -14.73
CA PHE D 178 1.36 18.39 -14.37
C PHE D 178 1.63 18.22 -12.88
N PRO D 179 1.28 17.03 -12.35
CA PRO D 179 1.52 16.68 -10.95
C PRO D 179 2.99 16.88 -10.56
N ALA D 180 3.23 17.33 -9.34
CA ALA D 180 4.58 17.61 -8.86
C ALA D 180 5.33 16.33 -8.51
N VAL D 181 6.62 16.31 -8.81
CA VAL D 181 7.47 15.16 -8.52
C VAL D 181 8.57 15.55 -7.55
N LEU D 182 8.68 14.82 -6.45
CA LEU D 182 9.69 15.11 -5.45
C LEU D 182 11.01 14.44 -5.78
N GLN D 183 12.11 15.12 -5.50
CA GLN D 183 13.44 14.64 -5.81
C GLN D 183 14.47 15.40 -4.98
N SER D 184 15.13 14.70 -4.06
CA SER D 184 16.10 15.31 -3.17
C SER D 184 15.46 16.41 -2.32
N ASP D 185 14.21 16.19 -1.92
CA ASP D 185 13.49 17.09 -1.02
C ASP D 185 13.04 18.38 -1.68
N LEU D 186 13.01 18.40 -3.00
CA LEU D 186 12.55 19.55 -3.76
C LEU D 186 11.62 19.12 -4.89
N TYR D 187 10.50 19.81 -5.01
CA TYR D 187 9.52 19.50 -6.04
C TYR D 187 9.84 20.18 -7.36
N THR D 188 9.45 19.50 -8.45
CA THR D 188 9.51 20.08 -9.78
C THR D 188 8.13 19.98 -10.41
N LEU D 189 7.66 21.11 -10.95
CA LEU D 189 6.35 21.19 -11.55
C LEU D 189 6.46 21.86 -12.91
N SER D 190 5.49 21.59 -13.77
CA SER D 190 5.44 22.26 -15.06
C SER D 190 3.99 22.41 -15.54
N SER D 191 3.75 23.45 -16.32
CA SER D 191 2.45 23.68 -16.91
C SER D 191 2.66 24.17 -18.34
N SER D 192 1.82 23.71 -19.25
CA SER D 192 1.90 24.16 -20.63
C SER D 192 0.58 24.77 -21.08
N VAL D 193 0.65 25.70 -22.00
CA VAL D 193 -0.56 26.33 -22.55
C VAL D 193 -0.45 26.47 -24.06
N THR D 194 -1.46 25.97 -24.75
CA THR D 194 -1.47 26.02 -26.21
C THR D 194 -2.44 27.08 -26.71
N VAL D 195 -1.90 28.09 -27.38
CA VAL D 195 -2.70 29.19 -27.90
C VAL D 195 -2.45 29.37 -29.39
N PRO D 196 -3.39 30.03 -30.10
CA PRO D 196 -3.17 30.33 -31.51
C PRO D 196 -1.99 31.28 -31.68
N SER D 197 -1.44 31.34 -32.90
CA SER D 197 -0.31 32.22 -33.18
C SER D 197 -0.74 33.68 -33.26
N SER D 198 -2.04 33.91 -33.14
CA SER D 198 -2.60 35.27 -33.20
C SER D 198 -2.59 35.99 -31.84
N PRO D 199 -2.91 35.26 -30.75
CA PRO D 199 -2.76 35.86 -29.42
C PRO D 199 -1.30 35.96 -28.94
N ARG D 200 -0.38 35.25 -29.58
CA ARG D 200 1.01 35.20 -29.09
C ARG D 200 2.05 35.32 -30.23
N PRO D 201 3.02 36.23 -30.07
CA PRO D 201 3.19 37.08 -28.89
C PRO D 201 2.55 38.45 -29.03
N SER D 202 1.46 38.58 -29.78
CA SER D 202 0.81 39.89 -29.90
C SER D 202 0.23 40.26 -28.56
N GLU D 203 -0.45 39.29 -27.96
CA GLU D 203 -1.01 39.45 -26.62
C GLU D 203 -0.09 38.82 -25.59
N THR D 204 -0.42 39.01 -24.31
CA THR D 204 0.42 38.53 -23.22
C THR D 204 -0.02 37.17 -22.70
N VAL D 205 0.97 36.32 -22.43
CA VAL D 205 0.73 35.04 -21.79
C VAL D 205 1.64 34.92 -20.57
N THR D 206 1.04 34.82 -19.39
CA THR D 206 1.79 34.89 -18.15
C THR D 206 1.51 33.73 -17.20
N CYS D 207 2.58 33.19 -16.63
CA CYS D 207 2.46 32.17 -15.60
C CYS D 207 2.13 32.83 -14.27
N ASN D 208 1.16 32.27 -13.54
CA ASN D 208 0.84 32.72 -12.20
C ASN D 208 1.08 31.59 -11.22
N VAL D 209 2.14 31.71 -10.44
CA VAL D 209 2.54 30.64 -9.53
C VAL D 209 2.50 31.08 -8.08
N ALA D 210 1.61 30.45 -7.31
CA ALA D 210 1.47 30.76 -5.91
C ALA D 210 1.97 29.63 -5.02
N HIS D 211 2.80 29.98 -4.03
CA HIS D 211 3.32 29.02 -3.08
C HIS D 211 3.04 29.50 -1.65
N PRO D 212 1.83 29.21 -1.14
CA PRO D 212 1.32 29.66 0.16
C PRO D 212 2.27 29.34 1.32
N ALA D 213 3.14 28.33 1.15
CA ALA D 213 4.02 27.90 2.22
C ALA D 213 5.15 28.89 2.47
N SER D 214 5.66 29.48 1.39
CA SER D 214 6.74 30.45 1.48
C SER D 214 6.20 31.87 1.32
N SER D 215 4.87 31.98 1.21
CA SER D 215 4.22 33.27 1.01
C SER D 215 4.75 33.94 -0.25
N THR D 216 4.96 33.14 -1.27
CA THR D 216 5.54 33.64 -2.52
C THR D 216 4.55 33.58 -3.67
N LYS D 217 4.67 34.55 -4.57
CA LYS D 217 3.89 34.52 -5.81
C LYS D 217 4.70 35.11 -6.95
N VAL D 218 4.90 34.31 -8.00
CA VAL D 218 5.76 34.69 -9.11
C VAL D 218 5.03 34.70 -10.45
N ASP D 219 5.16 35.81 -11.16
CA ASP D 219 4.61 35.95 -12.50
C ASP D 219 5.70 35.90 -13.56
N LYS D 220 5.56 35.00 -14.52
CA LYS D 220 6.48 34.95 -15.65
C LYS D 220 5.76 35.20 -16.97
N LYS D 221 6.03 36.36 -17.56
CA LYS D 221 5.49 36.70 -18.86
C LYS D 221 6.31 36.01 -19.95
N ILE D 222 5.73 34.99 -20.57
CA ILE D 222 6.43 34.25 -21.61
C ILE D 222 6.75 35.15 -22.79
N VAL D 223 8.02 35.17 -23.18
CA VAL D 223 8.52 36.07 -24.20
C VAL D 223 9.46 35.36 -25.18
N PRO D 224 9.34 35.68 -26.48
CA PRO D 224 10.14 35.06 -27.55
C PRO D 224 11.63 34.98 -27.20
N ARG D 225 12.29 33.95 -27.72
CA ARG D 225 13.69 33.62 -27.40
C ARG D 225 13.77 32.51 -26.36
O23 DOG E . 22.70 -0.29 5.45
C23 DOG E . 23.16 0.75 5.76
C22 DOG E . 24.16 0.96 6.56
O21 DOG E . 22.68 1.84 5.30
C21 DOG E . 23.38 2.80 5.82
C20 DOG E . 24.27 2.26 6.60
C17 DOG E . 25.32 3.03 7.38
C16 DOG E . 25.90 4.06 6.46
C13 DOG E . 24.84 3.83 8.60
C18 DOG E . 23.57 3.34 9.17
C12 DOG E . 25.86 3.77 9.65
O12 DOG E . 25.65 2.59 10.30
C14 DOG E . 24.67 5.21 8.08
C15 DOG E . 25.86 5.35 7.21
O14 DOG E . 23.54 5.28 7.33
C8 DOG E . 24.52 6.26 9.16
C7 DOG E . 24.45 7.64 8.61
C9 DOG E . 25.66 6.18 10.09
C11 DOG E . 25.62 4.80 10.68
C10 DOG E . 25.52 7.15 11.20
C19 DOG E . 24.37 6.79 12.05
C5 DOG E . 25.33 8.54 10.75
C6 DOG E . 24.27 8.65 9.70
C4 DOG E . 26.64 9.16 10.32
C3 DOG E . 27.52 9.38 11.50
O32 DOG E . 27.30 10.66 12.05
C2 DOG E . 27.14 8.39 12.53
C1 DOG E . 26.75 7.07 11.99
O23 DOG F . -20.11 6.82 6.50
C23 DOG F . -20.30 6.70 7.67
C22 DOG F . -21.07 7.42 8.40
O21 DOG F . -19.69 5.82 8.35
C21 DOG F . -20.12 6.00 9.56
C20 DOG F . -20.97 6.98 9.61
C17 DOG F . -21.74 7.46 10.85
C16 DOG F . -22.48 6.28 11.39
C13 DOG F . -20.96 8.01 12.05
C18 DOG F . -19.58 8.44 11.66
C12 DOG F . -21.69 9.15 12.71
O12 DOG F . -21.54 10.30 11.98
C14 DOG F . -20.93 6.83 12.99
C15 DOG F . -22.30 6.34 12.87
O14 DOG F . -20.07 5.87 12.53
C8 DOG F . -20.49 7.18 14.41
C7 DOG F . -20.64 6.01 15.31
C9 DOG F . -21.26 8.33 15.00
C11 DOG F . -21.10 9.47 14.05
C10 DOG F . -20.83 8.67 16.42
C19 DOG F . -19.48 9.30 16.45
C5 DOG F . -20.75 7.44 17.31
C6 DOG F . -20.06 6.28 16.63
C4 DOG F . -22.08 6.98 17.84
C3 DOG F . -22.83 8.05 18.60
O32 DOG F . -22.27 8.34 19.87
C2 DOG F . -22.95 9.26 17.74
C1 DOG F . -21.70 9.73 17.04
#